data_6JIL
#
_entry.id   6JIL
#
_cell.length_a   56.450
_cell.length_b   120.730
_cell.length_c   102.810
_cell.angle_alpha   90.00
_cell.angle_beta   101.01
_cell.angle_gamma   90.00
#
_symmetry.space_group_name_H-M   'P 1 21 1'
#
loop_
_entity.id
_entity.type
_entity.pdbx_description
1 polymer 'Cycloserine biosynthesis protein DcsG'
2 non-polymer 'L(+)-TARTARIC ACID'
3 non-polymer "ADENOSINE-5'-DIPHOSPHATE"
4 non-polymer 'MAGNESIUM ION'
5 water water
#
_entity_poly.entity_id   1
_entity_poly.type   'polypeptide(L)'
_entity_poly.pdbx_seq_one_letter_code
;(MSE)GILALVTDAVSLPIDYD(MSE)PPLLEACRTVGITAEVCDWEDGTVDWSRFEAVVFRSPWTWAERQAEFLAFCER
VSHVTRLITP(MSE)PLVRWALDKRYLADLAAHGVPVIPTTVVAPGSDALAAVRDFLAARPEAREFVVKPTDGCYSKDVQ
RYQRSLAEPASRHVARLLANGSHVILQPYVESVDRHGETDLTFFDGVYSHAIHKGA(MSE)L(MSE)PDGTVHVPTLDFR
QARDADEDQRAVAAAALAASVAHLGLDLPLVCGRVDLVRGADGSP(MSE)VLE(MSE)ELCEPSLNLTFSEDGALRFAQA
LAERLKPLEHHHHHH
;
_entity_poly.pdbx_strand_id   A,B,C,D
#
# COMPACT_ATOMS: atom_id res chain seq x y z
N GLY A 2 -8.24 -46.26 23.39
CA GLY A 2 -7.32 -45.11 23.15
C GLY A 2 -6.24 -45.42 22.12
N ILE A 3 -6.66 -45.98 21.00
CA ILE A 3 -5.74 -46.35 19.93
C ILE A 3 -5.19 -45.06 19.32
N LEU A 4 -3.87 -45.04 19.11
CA LEU A 4 -3.16 -43.88 18.57
C LEU A 4 -2.76 -44.11 17.11
N ALA A 5 -3.12 -43.17 16.24
CA ALA A 5 -2.77 -43.28 14.84
C ALA A 5 -1.45 -42.57 14.60
N LEU A 6 -0.51 -43.25 13.94
CA LEU A 6 0.78 -42.66 13.62
C LEU A 6 0.76 -42.52 12.09
N VAL A 7 0.60 -41.29 11.61
CA VAL A 7 0.49 -41.03 10.19
C VAL A 7 1.76 -41.04 9.36
N THR A 8 1.70 -41.73 8.24
CA THR A 8 2.82 -41.85 7.32
C THR A 8 2.20 -41.98 5.92
N ASP A 9 2.99 -42.47 4.97
CA ASP A 9 2.50 -42.74 3.62
C ASP A 9 3.48 -43.75 3.01
N ALA A 10 2.97 -44.62 2.15
CA ALA A 10 3.77 -45.67 1.54
C ALA A 10 5.17 -45.29 1.10
N VAL A 11 5.29 -44.20 0.36
CA VAL A 11 6.59 -43.77 -0.14
C VAL A 11 7.58 -43.39 0.96
N SER A 12 7.07 -42.82 2.04
CA SER A 12 7.91 -42.35 3.13
C SER A 12 8.20 -43.34 4.24
N LEU A 13 7.32 -44.31 4.45
CA LEU A 13 7.52 -45.27 5.52
C LEU A 13 8.91 -45.95 5.53
N PRO A 14 9.48 -46.24 4.36
CA PRO A 14 10.80 -46.89 4.29
C PRO A 14 11.95 -46.05 4.82
N ILE A 15 11.79 -44.73 4.86
CA ILE A 15 12.86 -43.88 5.36
C ILE A 15 12.53 -43.26 6.71
N ASP A 16 11.51 -43.80 7.37
CA ASP A 16 11.11 -43.29 8.69
C ASP A 16 11.79 -44.19 9.71
N TYR A 17 13.08 -43.96 9.92
CA TYR A 17 13.86 -44.76 10.87
C TYR A 17 13.30 -44.72 12.28
N ASP A 18 12.45 -43.73 12.56
CA ASP A 18 11.87 -43.57 13.88
C ASP A 18 10.68 -44.50 14.19
N PRO A 20 9.98 -47.84 13.83
CA PRO A 20 10.23 -49.07 14.57
C PRO A 20 10.47 -48.83 16.07
N PRO A 21 11.43 -47.96 16.42
CA PRO A 21 11.67 -47.71 17.85
C PRO A 21 10.49 -47.00 18.55
N LEU A 22 9.78 -46.15 17.82
CA LEU A 22 8.64 -45.44 18.40
C LEU A 22 7.53 -46.41 18.77
N LEU A 23 7.31 -47.41 17.93
CA LEU A 23 6.27 -48.41 18.19
C LEU A 23 6.61 -49.23 19.44
N GLU A 24 7.88 -49.58 19.62
CA GLU A 24 8.26 -50.34 20.80
C GLU A 24 8.06 -49.50 22.06
N ALA A 25 8.43 -48.23 21.99
CA ALA A 25 8.28 -47.31 23.11
C ALA A 25 6.79 -47.17 23.45
N CYS A 26 5.96 -47.09 22.42
CA CYS A 26 4.52 -46.97 22.63
C CYS A 26 4.04 -48.18 23.39
N ARG A 27 4.58 -49.33 23.00
CA ARG A 27 4.24 -50.60 23.62
C ARG A 27 4.61 -50.53 25.10
N THR A 28 5.77 -49.94 25.39
CA THR A 28 6.24 -49.84 26.76
C THR A 28 5.40 -48.89 27.63
N VAL A 29 4.78 -47.88 27.03
CA VAL A 29 3.95 -46.98 27.83
C VAL A 29 2.48 -47.34 27.71
N GLY A 30 2.21 -48.57 27.28
CA GLY A 30 0.85 -49.06 27.15
C GLY A 30 -0.06 -48.53 26.07
N ILE A 31 0.43 -47.71 25.15
CA ILE A 31 -0.47 -47.20 24.12
C ILE A 31 -0.47 -48.02 22.84
N THR A 32 -1.67 -48.30 22.35
CA THR A 32 -1.85 -49.09 21.13
C THR A 32 -1.77 -48.14 19.96
N ALA A 33 -0.76 -48.32 19.12
CA ALA A 33 -0.60 -47.45 17.97
C ALA A 33 -0.78 -48.20 16.66
N GLU A 34 -1.35 -47.52 15.67
CA GLU A 34 -1.53 -48.09 14.34
C GLU A 34 -0.89 -47.14 13.35
N VAL A 35 -0.12 -47.69 12.42
CA VAL A 35 0.55 -46.90 11.40
C VAL A 35 -0.49 -46.70 10.29
N CYS A 36 -0.76 -45.45 9.94
CA CYS A 36 -1.76 -45.13 8.91
C CYS A 36 -1.25 -44.25 7.78
N ASP A 37 -1.61 -44.59 6.55
CA ASP A 37 -1.22 -43.81 5.40
C ASP A 37 -2.31 -42.74 5.25
N TRP A 38 -1.92 -41.47 5.15
CA TRP A 38 -2.91 -40.42 5.04
C TRP A 38 -3.73 -40.48 3.74
N GLU A 39 -3.22 -41.20 2.75
CA GLU A 39 -3.93 -41.33 1.46
C GLU A 39 -4.72 -42.63 1.35
N ASP A 40 -4.81 -43.37 2.45
CA ASP A 40 -5.57 -44.62 2.46
C ASP A 40 -7.03 -44.31 2.79
N GLY A 41 -7.88 -44.34 1.77
CA GLY A 41 -9.28 -44.04 1.98
C GLY A 41 -10.06 -45.03 2.82
N THR A 42 -9.46 -46.16 3.15
CA THR A 42 -10.14 -47.18 3.96
C THR A 42 -10.00 -46.96 5.46
N VAL A 43 -9.33 -45.88 5.86
CA VAL A 43 -9.14 -45.59 7.26
C VAL A 43 -10.28 -44.80 7.90
N ASP A 44 -10.80 -45.30 9.01
CA ASP A 44 -11.86 -44.61 9.72
C ASP A 44 -11.16 -43.84 10.83
N TRP A 45 -10.80 -42.59 10.56
CA TRP A 45 -10.08 -41.78 11.53
C TRP A 45 -10.87 -41.49 12.81
N SER A 46 -12.18 -41.71 12.76
CA SER A 46 -13.03 -41.49 13.91
C SER A 46 -12.76 -42.53 15.00
N ARG A 47 -12.11 -43.64 14.62
CA ARG A 47 -11.78 -44.71 15.55
C ARG A 47 -10.67 -44.38 16.55
N PHE A 48 -9.81 -43.43 16.20
CA PHE A 48 -8.69 -43.07 17.07
C PHE A 48 -8.98 -42.06 18.17
N GLU A 49 -8.23 -42.19 19.26
CA GLU A 49 -8.35 -41.29 20.41
C GLU A 49 -7.66 -40.01 19.97
N ALA A 50 -6.54 -40.18 19.29
CA ALA A 50 -5.76 -39.06 18.80
C ALA A 50 -4.94 -39.49 17.59
N VAL A 51 -4.31 -38.51 16.95
CA VAL A 51 -3.49 -38.76 15.78
C VAL A 51 -2.19 -37.98 15.89
N VAL A 52 -1.10 -38.61 15.44
CA VAL A 52 0.22 -37.99 15.43
C VAL A 52 0.79 -38.11 14.02
N PHE A 53 1.27 -36.99 13.50
CA PHE A 53 1.84 -36.96 12.17
C PHE A 53 3.33 -37.28 12.28
N ARG A 54 3.70 -38.48 11.81
CA ARG A 54 5.07 -38.91 11.89
C ARG A 54 5.86 -38.73 10.62
N SER A 55 5.44 -39.39 9.53
CA SER A 55 6.17 -39.30 8.29
C SER A 55 5.36 -39.29 7.00
N PRO A 56 4.35 -38.41 6.90
CA PRO A 56 3.55 -38.32 5.68
C PRO A 56 4.35 -37.36 4.80
N TRP A 57 5.62 -37.70 4.61
CA TRP A 57 6.52 -36.81 3.90
C TRP A 57 6.28 -36.46 2.45
N THR A 58 5.32 -37.12 1.80
CA THR A 58 5.04 -36.76 0.42
C THR A 58 4.15 -35.51 0.42
N TRP A 59 3.88 -34.97 1.60
CA TRP A 59 3.05 -33.77 1.69
C TRP A 59 3.76 -32.65 0.95
N ALA A 60 5.08 -32.77 0.85
CA ALA A 60 5.90 -31.77 0.16
C ALA A 60 5.58 -31.74 -1.33
N GLU A 61 4.96 -32.81 -1.83
CA GLU A 61 4.59 -32.91 -3.24
C GLU A 61 3.15 -32.45 -3.46
N ARG A 62 2.36 -32.49 -2.40
CA ARG A 62 0.97 -32.07 -2.47
C ARG A 62 0.55 -31.46 -1.15
N GLN A 63 1.10 -30.29 -0.87
CA GLN A 63 0.85 -29.57 0.36
C GLN A 63 -0.62 -29.31 0.64
N ALA A 64 -1.32 -28.67 -0.29
CA ALA A 64 -2.73 -28.37 -0.10
C ALA A 64 -3.52 -29.63 0.25
N GLU A 65 -3.21 -30.75 -0.42
CA GLU A 65 -3.89 -32.01 -0.19
C GLU A 65 -3.72 -32.51 1.23
N PHE A 66 -2.49 -32.42 1.75
CA PHE A 66 -2.21 -32.87 3.10
C PHE A 66 -2.86 -31.98 4.15
N LEU A 67 -2.81 -30.68 3.91
CA LEU A 67 -3.41 -29.71 4.82
C LEU A 67 -4.92 -29.98 4.90
N ALA A 68 -5.53 -30.32 3.76
CA ALA A 68 -6.96 -30.61 3.72
C ALA A 68 -7.26 -31.87 4.52
N PHE A 69 -6.35 -32.84 4.39
CA PHE A 69 -6.48 -34.11 5.11
C PHE A 69 -6.47 -33.83 6.59
N CYS A 70 -5.46 -33.10 7.05
CA CYS A 70 -5.35 -32.76 8.46
C CYS A 70 -6.62 -32.07 8.95
N GLU A 71 -7.09 -31.09 8.19
CA GLU A 71 -8.29 -30.34 8.52
C GLU A 71 -9.48 -31.28 8.71
N ARG A 72 -9.70 -32.19 7.78
CA ARG A 72 -10.81 -33.13 7.87
C ARG A 72 -10.69 -34.09 9.06
N VAL A 73 -9.46 -34.47 9.38
CA VAL A 73 -9.23 -35.39 10.48
C VAL A 73 -9.53 -34.72 11.83
N SER A 74 -9.25 -33.42 11.93
CA SER A 74 -9.47 -32.67 13.16
C SER A 74 -10.94 -32.63 13.58
N HIS A 75 -11.83 -32.89 12.64
CA HIS A 75 -13.26 -32.86 12.94
C HIS A 75 -13.74 -34.17 13.53
N VAL A 76 -13.02 -35.24 13.24
CA VAL A 76 -13.44 -36.56 13.70
C VAL A 76 -12.65 -37.13 14.88
N THR A 77 -11.49 -36.55 15.16
CA THR A 77 -10.65 -37.01 16.27
C THR A 77 -9.67 -35.93 16.67
N ARG A 78 -9.01 -36.13 17.80
CA ARG A 78 -8.05 -35.16 18.32
C ARG A 78 -6.64 -35.23 17.70
N LEU A 79 -6.13 -34.08 17.30
CA LEU A 79 -4.78 -34.02 16.72
C LEU A 79 -3.81 -33.58 17.84
N ILE A 80 -2.76 -34.35 18.07
CA ILE A 80 -1.78 -33.98 19.09
C ILE A 80 -1.24 -32.59 18.74
N THR A 81 -0.99 -32.37 17.45
CA THR A 81 -0.53 -31.06 16.98
C THR A 81 -1.76 -30.46 16.31
N PRO A 82 -2.47 -29.56 17.02
CA PRO A 82 -3.68 -28.92 16.50
C PRO A 82 -3.41 -28.13 15.21
N PRO A 84 -3.75 -25.03 14.04
CA PRO A 84 -2.93 -23.81 14.00
C PRO A 84 -1.44 -24.15 13.90
N LEU A 85 -1.00 -25.09 14.75
CA LEU A 85 0.39 -25.54 14.77
C LEU A 85 0.77 -26.17 13.42
N VAL A 86 -0.10 -27.03 12.91
CA VAL A 86 0.16 -27.70 11.64
C VAL A 86 0.39 -26.72 10.48
N ARG A 87 -0.55 -25.80 10.26
CA ARG A 87 -0.41 -24.85 9.16
C ARG A 87 0.85 -24.01 9.30
N TRP A 88 1.14 -23.62 10.53
CA TRP A 88 2.30 -22.79 10.83
C TRP A 88 3.63 -23.54 10.69
N ALA A 89 3.65 -24.79 11.13
CA ALA A 89 4.86 -25.60 11.10
C ALA A 89 5.23 -26.11 9.73
N LEU A 90 4.27 -26.19 8.82
CA LEU A 90 4.54 -26.68 7.47
C LEU A 90 4.87 -25.57 6.47
N ASP A 91 5.31 -24.42 6.97
CA ASP A 91 5.67 -23.30 6.11
C ASP A 91 6.83 -22.54 6.74
N LYS A 92 8.00 -22.61 6.11
CA LYS A 92 9.19 -21.97 6.62
C LYS A 92 9.09 -20.48 6.90
N ARG A 93 7.93 -19.91 6.64
CA ARG A 93 7.72 -18.50 6.93
C ARG A 93 7.74 -18.30 8.44
N TYR A 94 7.75 -19.40 9.20
CA TYR A 94 7.79 -19.30 10.65
C TYR A 94 9.14 -18.71 11.09
N LEU A 95 10.13 -18.70 10.19
CA LEU A 95 11.44 -18.13 10.52
C LEU A 95 11.35 -16.64 10.84
N ALA A 96 10.35 -15.95 10.29
CA ALA A 96 10.20 -14.52 10.56
C ALA A 96 9.58 -14.32 11.93
N ASP A 97 8.71 -15.24 12.33
CA ASP A 97 8.08 -15.17 13.64
C ASP A 97 9.15 -15.43 14.69
N LEU A 98 10.06 -16.36 14.37
CA LEU A 98 11.15 -16.67 15.30
C LEU A 98 12.05 -15.45 15.45
N ALA A 99 12.33 -14.78 14.33
CA ALA A 99 13.18 -13.61 14.36
C ALA A 99 12.55 -12.49 15.21
N ALA A 100 11.23 -12.38 15.17
CA ALA A 100 10.52 -11.35 15.93
C ALA A 100 10.57 -11.63 17.42
N HIS A 101 10.87 -12.86 17.80
CA HIS A 101 10.97 -13.23 19.20
C HIS A 101 12.41 -13.24 19.70
N GLY A 102 13.32 -12.66 18.92
CA GLY A 102 14.70 -12.63 19.35
C GLY A 102 15.51 -13.88 19.05
N VAL A 103 14.88 -14.87 18.43
CA VAL A 103 15.58 -16.11 18.07
C VAL A 103 16.44 -15.87 16.84
N PRO A 104 17.75 -16.15 16.93
CA PRO A 104 18.67 -15.95 15.81
C PRO A 104 18.39 -16.92 14.65
N VAL A 105 18.11 -16.38 13.47
CA VAL A 105 17.84 -17.21 12.31
C VAL A 105 18.67 -16.78 11.12
N ILE A 106 18.75 -17.65 10.12
CA ILE A 106 19.49 -17.35 8.92
C ILE A 106 18.76 -16.22 8.22
N PRO A 107 19.48 -15.16 7.82
CA PRO A 107 18.82 -14.05 7.12
C PRO A 107 17.93 -14.66 6.06
N THR A 108 16.62 -14.43 6.18
CA THR A 108 15.63 -15.02 5.28
C THR A 108 14.70 -14.04 4.59
N THR A 109 14.60 -14.15 3.26
CA THR A 109 13.74 -13.30 2.45
C THR A 109 12.63 -14.10 1.76
N VAL A 110 11.38 -13.80 2.10
CA VAL A 110 10.23 -14.51 1.54
C VAL A 110 9.65 -13.86 0.27
N VAL A 111 9.54 -14.65 -0.79
CA VAL A 111 9.00 -14.20 -2.08
C VAL A 111 7.61 -14.80 -2.23
N ALA A 112 6.60 -13.95 -2.33
CA ALA A 112 5.22 -14.43 -2.43
C ALA A 112 4.72 -14.64 -3.86
N PRO A 113 3.80 -15.60 -4.06
CA PRO A 113 3.25 -15.86 -5.39
C PRO A 113 2.70 -14.57 -5.97
N GLY A 114 3.01 -14.31 -7.23
CA GLY A 114 2.53 -13.09 -7.86
C GLY A 114 3.66 -12.10 -7.98
N SER A 115 4.77 -12.37 -7.30
CA SER A 115 5.93 -11.49 -7.35
C SER A 115 6.72 -11.69 -8.64
N ASP A 116 7.53 -10.71 -8.96
CA ASP A 116 8.38 -10.77 -10.13
C ASP A 116 9.58 -11.59 -9.68
N ALA A 117 9.71 -12.81 -10.20
CA ALA A 117 10.81 -13.69 -9.79
C ALA A 117 12.21 -13.08 -9.90
N LEU A 118 12.58 -12.61 -11.09
CA LEU A 118 13.91 -12.03 -11.28
C LEU A 118 14.18 -10.77 -10.48
N ALA A 119 13.19 -9.90 -10.35
CA ALA A 119 13.39 -8.67 -9.58
C ALA A 119 13.64 -9.07 -8.13
N ALA A 120 12.83 -10.00 -7.62
CA ALA A 120 12.96 -10.48 -6.26
C ALA A 120 14.38 -10.97 -5.97
N VAL A 121 14.94 -11.74 -6.90
CA VAL A 121 16.30 -12.27 -6.71
C VAL A 121 17.33 -11.14 -6.72
N ARG A 122 17.17 -10.18 -7.63
CA ARG A 122 18.09 -9.07 -7.72
C ARG A 122 18.02 -8.14 -6.52
N ASP A 123 16.83 -7.87 -6.00
CA ASP A 123 16.73 -7.00 -4.83
C ASP A 123 17.45 -7.69 -3.68
N PHE A 124 17.24 -8.99 -3.58
CA PHE A 124 17.84 -9.82 -2.55
C PHE A 124 19.37 -9.72 -2.55
N LEU A 125 19.96 -9.91 -3.72
CA LEU A 125 21.41 -9.84 -3.87
C LEU A 125 21.92 -8.43 -3.63
N ALA A 126 21.09 -7.44 -3.94
CA ALA A 126 21.45 -6.05 -3.76
C ALA A 126 21.52 -5.71 -2.27
N ALA A 127 20.62 -6.31 -1.51
CA ALA A 127 20.57 -6.09 -0.07
C ALA A 127 21.68 -6.86 0.63
N ARG A 128 22.19 -7.89 -0.02
CA ARG A 128 23.24 -8.71 0.58
C ARG A 128 24.43 -8.86 -0.37
N PRO A 129 25.10 -7.74 -0.71
CA PRO A 129 26.25 -7.75 -1.61
C PRO A 129 27.40 -8.62 -1.11
N GLU A 130 27.36 -8.97 0.17
CA GLU A 130 28.40 -9.79 0.80
C GLU A 130 28.19 -11.28 0.61
N ALA A 131 26.98 -11.69 0.21
CA ALA A 131 26.70 -13.11 0.01
C ALA A 131 27.31 -13.62 -1.30
N ARG A 132 28.28 -14.53 -1.19
CA ARG A 132 28.93 -15.09 -2.37
C ARG A 132 28.00 -16.07 -3.05
N GLU A 133 27.22 -16.77 -2.24
CA GLU A 133 26.28 -17.74 -2.76
C GLU A 133 24.98 -17.61 -1.98
N PHE A 134 23.88 -18.06 -2.58
CA PHE A 134 22.58 -17.98 -1.92
C PHE A 134 21.82 -19.26 -2.18
N VAL A 135 20.73 -19.47 -1.45
CA VAL A 135 19.94 -20.67 -1.64
C VAL A 135 18.50 -20.35 -1.94
N VAL A 136 17.90 -21.16 -2.81
CA VAL A 136 16.50 -21.00 -3.18
C VAL A 136 15.78 -22.24 -2.65
N LYS A 137 14.63 -22.03 -2.04
CA LYS A 137 13.88 -23.16 -1.50
C LYS A 137 12.43 -22.75 -1.26
N PRO A 138 11.50 -23.70 -1.41
CA PRO A 138 10.08 -23.44 -1.17
C PRO A 138 9.88 -23.38 0.34
N THR A 139 8.91 -22.58 0.79
CA THR A 139 8.67 -22.49 2.22
C THR A 139 7.96 -23.74 2.71
N ASP A 140 7.31 -24.44 1.78
CA ASP A 140 6.57 -25.65 2.13
C ASP A 140 7.18 -26.92 1.53
N GLY A 141 8.30 -27.35 2.10
CA GLY A 141 8.97 -28.55 1.62
C GLY A 141 9.72 -29.27 2.73
N CYS A 142 10.44 -30.32 2.35
CA CYS A 142 11.25 -31.10 3.29
C CYS A 142 12.13 -32.05 2.50
N TYR A 143 13.04 -32.72 3.21
CA TYR A 143 13.94 -33.68 2.60
C TYR A 143 14.68 -33.11 1.39
N SER A 144 15.13 -31.87 1.49
CA SER A 144 15.86 -31.20 0.42
C SER A 144 15.07 -30.94 -0.86
N LYS A 145 13.75 -31.09 -0.83
CA LYS A 145 12.94 -30.85 -2.02
C LYS A 145 13.08 -29.45 -2.63
N ASP A 146 13.35 -29.42 -3.92
CA ASP A 146 13.51 -28.17 -4.69
C ASP A 146 14.41 -27.13 -4.03
N VAL A 147 15.42 -27.61 -3.31
CA VAL A 147 16.37 -26.72 -2.65
C VAL A 147 17.62 -26.69 -3.51
N GLN A 148 18.14 -25.49 -3.77
CA GLN A 148 19.34 -25.35 -4.59
C GLN A 148 20.28 -24.23 -4.17
N ARG A 149 21.56 -24.42 -4.50
CA ARG A 149 22.64 -23.50 -4.20
C ARG A 149 23.07 -22.77 -5.47
N TYR A 150 23.30 -21.47 -5.35
CA TYR A 150 23.72 -20.66 -6.51
C TYR A 150 24.79 -19.62 -6.18
N GLN A 151 25.67 -19.38 -7.14
CA GLN A 151 26.71 -18.35 -7.01
C GLN A 151 25.90 -17.10 -7.34
N ARG A 152 26.22 -15.96 -6.73
CA ARG A 152 25.42 -14.75 -6.98
C ARG A 152 25.32 -14.33 -8.44
N SER A 153 26.21 -14.80 -9.29
CA SER A 153 26.17 -14.43 -10.69
C SER A 153 25.06 -15.18 -11.42
N LEU A 154 24.49 -16.18 -10.77
CA LEU A 154 23.44 -17.00 -11.36
C LEU A 154 22.03 -16.56 -10.96
N ALA A 155 21.80 -15.26 -10.93
CA ALA A 155 20.49 -14.75 -10.54
C ALA A 155 19.38 -15.17 -11.51
N GLU A 156 19.62 -15.02 -12.81
CA GLU A 156 18.61 -15.37 -13.80
C GLU A 156 18.18 -16.82 -13.67
N PRO A 157 19.14 -17.76 -13.66
CA PRO A 157 18.77 -19.17 -13.53
C PRO A 157 17.99 -19.43 -12.24
N ALA A 158 18.45 -18.84 -11.15
CA ALA A 158 17.78 -19.01 -9.88
C ALA A 158 16.36 -18.39 -9.94
N SER A 159 16.22 -17.28 -10.66
CA SER A 159 14.92 -16.64 -10.76
C SER A 159 13.97 -17.58 -11.46
N ARG A 160 14.51 -18.42 -12.34
CA ARG A 160 13.70 -19.39 -13.06
C ARG A 160 13.30 -20.51 -12.10
N HIS A 161 14.19 -20.80 -11.16
CA HIS A 161 13.89 -21.82 -10.16
C HIS A 161 12.79 -21.23 -9.29
N VAL A 162 12.94 -19.96 -8.93
CA VAL A 162 11.97 -19.27 -8.10
C VAL A 162 10.61 -19.23 -8.79
N ALA A 163 10.60 -18.86 -10.07
CA ALA A 163 9.36 -18.77 -10.82
C ALA A 163 8.62 -20.10 -10.82
N ARG A 164 9.36 -21.18 -11.03
CA ARG A 164 8.79 -22.52 -11.07
C ARG A 164 8.03 -22.83 -9.79
N LEU A 165 8.55 -22.35 -8.67
CA LEU A 165 7.93 -22.58 -7.35
C LEU A 165 6.70 -21.70 -7.13
N LEU A 166 6.78 -20.46 -7.57
CA LEU A 166 5.66 -19.55 -7.42
C LEU A 166 4.49 -20.07 -8.26
N ALA A 167 4.81 -20.58 -9.44
CA ALA A 167 3.81 -21.10 -10.35
C ALA A 167 2.97 -22.18 -9.70
N ASN A 168 3.59 -22.96 -8.82
CA ASN A 168 2.88 -24.03 -8.12
C ASN A 168 2.16 -23.42 -6.93
N GLY A 169 2.25 -22.11 -6.79
CA GLY A 169 1.58 -21.42 -5.71
C GLY A 169 2.25 -21.53 -4.36
N SER A 170 3.55 -21.77 -4.34
CA SER A 170 4.30 -21.88 -3.09
C SER A 170 5.05 -20.57 -2.85
N HIS A 171 5.30 -20.24 -1.59
CA HIS A 171 6.07 -19.05 -1.28
C HIS A 171 7.51 -19.53 -1.39
N VAL A 172 8.42 -18.64 -1.75
CA VAL A 172 9.83 -19.03 -1.89
C VAL A 172 10.71 -18.24 -0.94
N ILE A 173 11.67 -18.93 -0.34
CA ILE A 173 12.59 -18.29 0.58
C ILE A 173 13.96 -18.18 -0.04
N LEU A 174 14.57 -17.00 0.10
CA LEU A 174 15.90 -16.72 -0.41
C LEU A 174 16.79 -16.50 0.82
N GLN A 175 17.90 -17.21 0.89
CA GLN A 175 18.81 -17.04 2.02
C GLN A 175 20.25 -17.05 1.54
N PRO A 176 21.12 -16.31 2.25
CA PRO A 176 22.51 -16.32 1.81
C PRO A 176 23.03 -17.70 2.20
N TYR A 177 24.00 -18.22 1.44
CA TYR A 177 24.56 -19.53 1.76
C TYR A 177 25.49 -19.39 2.96
N VAL A 178 25.17 -20.10 4.05
CA VAL A 178 25.98 -20.09 5.26
C VAL A 178 27.23 -20.93 5.01
N GLU A 179 28.37 -20.25 4.86
CA GLU A 179 29.64 -20.88 4.56
C GLU A 179 30.14 -21.98 5.49
N SER A 180 29.81 -21.89 6.78
CA SER A 180 30.28 -22.92 7.71
C SER A 180 29.67 -24.27 7.43
N VAL A 181 28.51 -24.32 6.78
CA VAL A 181 27.85 -25.59 6.51
C VAL A 181 28.67 -26.54 5.63
N ASP A 182 29.53 -25.99 4.78
CA ASP A 182 30.36 -26.82 3.90
C ASP A 182 31.30 -27.71 4.68
N ARG A 183 31.85 -27.20 5.78
CA ARG A 183 32.77 -27.97 6.58
C ARG A 183 32.24 -28.46 7.92
N HIS A 184 31.21 -27.83 8.45
CA HIS A 184 30.66 -28.23 9.74
C HIS A 184 29.22 -28.68 9.70
N GLY A 185 28.68 -28.83 8.50
CA GLY A 185 27.31 -29.27 8.36
C GLY A 185 26.36 -28.49 9.26
N GLU A 186 25.48 -29.22 9.95
CA GLU A 186 24.50 -28.60 10.83
C GLU A 186 24.25 -29.53 12.03
N THR A 187 23.63 -28.99 13.08
CA THR A 187 23.32 -29.79 14.25
C THR A 187 21.81 -29.77 14.46
N ASP A 188 21.20 -30.96 14.53
CA ASP A 188 19.76 -31.09 14.71
C ASP A 188 19.43 -31.59 16.12
N LEU A 189 18.81 -30.74 16.93
CA LEU A 189 18.46 -31.08 18.30
C LEU A 189 17.00 -31.51 18.45
N THR A 190 16.78 -32.58 19.19
CA THR A 190 15.44 -33.10 19.41
C THR A 190 14.99 -32.83 20.84
N PHE A 191 13.77 -32.30 20.98
CA PHE A 191 13.21 -31.98 22.28
C PHE A 191 11.88 -32.69 22.51
N PHE A 192 11.62 -33.00 23.78
CA PHE A 192 10.38 -33.64 24.18
C PHE A 192 9.80 -32.87 25.36
N ASP A 193 8.63 -32.29 25.14
CA ASP A 193 7.95 -31.47 26.15
C ASP A 193 8.80 -30.33 26.69
N GLY A 194 9.53 -29.68 25.79
CA GLY A 194 10.37 -28.56 26.18
C GLY A 194 11.68 -28.97 26.81
N VAL A 195 12.02 -30.26 26.73
CA VAL A 195 13.26 -30.75 27.34
C VAL A 195 14.20 -31.37 26.30
N TYR A 196 15.45 -30.95 26.31
CA TYR A 196 16.44 -31.45 25.38
C TYR A 196 16.65 -32.94 25.58
N SER A 197 16.62 -33.70 24.49
CA SER A 197 16.83 -35.14 24.58
C SER A 197 18.14 -35.55 23.94
N HIS A 198 18.35 -35.16 22.69
CA HIS A 198 19.57 -35.54 22.00
C HIS A 198 19.68 -34.79 20.68
N ALA A 199 20.82 -34.97 20.02
CA ALA A 199 21.07 -34.31 18.75
C ALA A 199 21.97 -35.15 17.85
N ILE A 200 22.08 -34.72 16.60
CA ILE A 200 22.93 -35.40 15.64
C ILE A 200 23.60 -34.35 14.78
N HIS A 201 24.59 -34.78 14.04
CA HIS A 201 25.26 -33.91 13.11
C HIS A 201 24.77 -34.42 11.75
N LYS A 202 24.47 -33.50 10.85
CA LYS A 202 24.02 -33.87 9.52
C LYS A 202 24.93 -33.14 8.54
N GLY A 203 25.53 -33.88 7.62
CA GLY A 203 26.43 -33.27 6.65
C GLY A 203 25.73 -32.28 5.74
N ALA A 204 26.52 -31.50 5.01
CA ALA A 204 25.97 -30.52 4.08
C ALA A 204 25.16 -31.27 3.02
N LEU A 206 23.86 -29.42 0.01
CA LEU A 206 24.08 -28.73 -1.25
C LEU A 206 25.57 -28.71 -1.62
N PRO A 208 28.95 -27.95 -3.90
CA PRO A 208 29.41 -26.84 -4.73
C PRO A 208 29.22 -27.11 -6.22
N ASP A 209 29.23 -28.39 -6.60
CA ASP A 209 29.07 -28.78 -7.99
C ASP A 209 27.61 -28.91 -8.45
N GLY A 210 26.67 -28.42 -7.66
CA GLY A 210 25.27 -28.49 -8.04
C GLY A 210 24.50 -29.68 -7.50
N THR A 211 25.21 -30.66 -6.97
CA THR A 211 24.56 -31.84 -6.43
C THR A 211 23.76 -31.48 -5.18
N VAL A 212 22.58 -32.09 -5.05
CA VAL A 212 21.73 -31.85 -3.90
C VAL A 212 21.48 -33.20 -3.24
N HIS A 213 22.04 -33.40 -2.06
CA HIS A 213 21.86 -34.65 -1.34
C HIS A 213 20.58 -34.69 -0.54
N VAL A 214 20.26 -35.88 -0.07
CA VAL A 214 19.09 -36.14 0.72
C VAL A 214 19.67 -36.75 2.01
N PRO A 215 19.24 -36.25 3.19
CA PRO A 215 19.71 -36.71 4.51
C PRO A 215 19.51 -38.17 4.90
N THR A 216 20.21 -39.07 4.22
CA THR A 216 20.14 -40.50 4.50
C THR A 216 20.98 -40.81 5.75
N LEU A 217 20.82 -42.02 6.30
CA LEU A 217 21.56 -42.42 7.50
C LEU A 217 23.07 -42.18 7.48
N ASP A 218 23.70 -42.38 6.33
CA ASP A 218 25.15 -42.17 6.26
C ASP A 218 25.50 -40.69 6.42
N PHE A 219 24.51 -39.81 6.30
CA PHE A 219 24.76 -38.38 6.45
C PHE A 219 24.52 -37.94 7.90
N ARG A 220 24.20 -38.89 8.77
CA ARG A 220 23.93 -38.56 10.17
C ARG A 220 24.80 -39.30 11.18
N GLN A 221 24.98 -38.69 12.34
CA GLN A 221 25.75 -39.29 13.41
C GLN A 221 25.48 -38.58 14.74
N ALA A 222 25.36 -39.37 15.80
CA ALA A 222 25.10 -38.86 17.14
C ALA A 222 26.00 -37.69 17.49
N ARG A 223 25.42 -36.66 18.08
CA ARG A 223 26.17 -35.46 18.47
C ARG A 223 25.66 -34.95 19.80
N ASP A 224 26.53 -34.32 20.57
CA ASP A 224 26.12 -33.76 21.84
C ASP A 224 26.10 -32.26 21.66
N ALA A 225 24.90 -31.68 21.61
CA ALA A 225 24.76 -30.23 21.41
C ALA A 225 25.30 -29.48 22.62
N ASP A 226 26.02 -28.39 22.38
CA ASP A 226 26.56 -27.61 23.48
C ASP A 226 25.49 -26.70 24.07
N GLU A 227 25.83 -26.03 25.17
CA GLU A 227 24.90 -25.14 25.85
C GLU A 227 24.25 -24.10 24.94
N ASP A 228 25.07 -23.41 24.17
CA ASP A 228 24.57 -22.38 23.26
C ASP A 228 23.55 -22.91 22.28
N GLN A 229 23.84 -24.06 21.69
CA GLN A 229 22.93 -24.65 20.72
C GLN A 229 21.61 -25.01 21.38
N ARG A 230 21.69 -25.65 22.55
CA ARG A 230 20.48 -26.05 23.27
C ARG A 230 19.74 -24.82 23.72
N ALA A 231 20.49 -23.77 24.06
CA ALA A 231 19.89 -22.52 24.49
C ALA A 231 19.09 -21.89 23.34
N VAL A 232 19.66 -21.90 22.14
CA VAL A 232 18.97 -21.32 21.00
C VAL A 232 17.77 -22.18 20.62
N ALA A 233 17.96 -23.50 20.56
CA ALA A 233 16.88 -24.41 20.22
C ALA A 233 15.68 -24.22 21.13
N ALA A 234 15.95 -24.13 22.44
CA ALA A 234 14.90 -23.96 23.44
C ALA A 234 14.19 -22.62 23.30
N ALA A 235 14.89 -21.61 22.79
CA ALA A 235 14.29 -20.29 22.59
C ALA A 235 13.33 -20.37 21.41
N ALA A 236 13.76 -21.08 20.37
CA ALA A 236 12.95 -21.26 19.18
C ALA A 236 11.64 -21.94 19.54
N LEU A 237 11.72 -22.95 20.42
CA LEU A 237 10.53 -23.69 20.84
C LEU A 237 9.62 -22.82 21.69
N ALA A 238 10.22 -22.06 22.62
CA ALA A 238 9.43 -21.20 23.47
C ALA A 238 8.74 -20.12 22.63
N ALA A 239 9.44 -19.62 21.61
CA ALA A 239 8.88 -18.61 20.73
C ALA A 239 7.67 -19.18 20.00
N SER A 240 7.76 -20.46 19.65
CA SER A 240 6.67 -21.14 18.95
C SER A 240 5.47 -21.30 19.88
N VAL A 241 5.74 -21.70 21.12
CA VAL A 241 4.68 -21.88 22.09
C VAL A 241 3.95 -20.56 22.34
N ALA A 242 4.73 -19.49 22.49
CA ALA A 242 4.17 -18.15 22.74
C ALA A 242 3.39 -17.61 21.55
N HIS A 243 3.99 -17.72 20.37
CA HIS A 243 3.38 -17.24 19.14
C HIS A 243 2.02 -17.84 18.85
N LEU A 244 1.89 -19.14 19.05
CA LEU A 244 0.65 -19.85 18.78
C LEU A 244 -0.29 -19.93 19.97
N GLY A 245 0.17 -19.45 21.12
CA GLY A 245 -0.65 -19.48 22.32
C GLY A 245 -0.86 -20.88 22.85
N LEU A 246 0.10 -21.76 22.61
CA LEU A 246 0.00 -23.14 23.07
C LEU A 246 -0.03 -23.23 24.60
N ASP A 247 -0.93 -24.06 25.10
CA ASP A 247 -1.11 -24.27 26.53
C ASP A 247 -0.07 -25.23 27.07
N LEU A 248 0.40 -26.12 26.21
CA LEU A 248 1.39 -27.12 26.58
C LEU A 248 2.63 -27.01 25.72
N PRO A 249 3.75 -27.60 26.18
CA PRO A 249 4.98 -27.54 25.38
C PRO A 249 4.74 -28.40 24.14
N LEU A 250 5.66 -28.36 23.19
CA LEU A 250 5.50 -29.20 22.02
C LEU A 250 5.88 -30.62 22.45
N VAL A 251 5.02 -31.59 22.16
CA VAL A 251 5.30 -32.97 22.53
C VAL A 251 6.69 -33.32 22.05
N CYS A 252 7.00 -32.89 20.82
CA CYS A 252 8.30 -33.15 20.24
C CYS A 252 8.59 -32.09 19.20
N GLY A 253 9.87 -31.93 18.88
CA GLY A 253 10.25 -30.96 17.89
C GLY A 253 11.73 -31.10 17.61
N ARG A 254 12.16 -30.61 16.46
CA ARG A 254 13.56 -30.66 16.11
C ARG A 254 13.93 -29.28 15.63
N VAL A 255 15.04 -28.77 16.13
CA VAL A 255 15.52 -27.45 15.76
C VAL A 255 16.88 -27.64 15.11
N ASP A 256 17.00 -27.26 13.83
CA ASP A 256 18.27 -27.41 13.13
C ASP A 256 19.07 -26.11 13.16
N LEU A 257 20.31 -26.22 13.64
CA LEU A 257 21.21 -25.08 13.79
C LEU A 257 22.43 -25.10 12.89
N VAL A 258 22.88 -23.91 12.49
CA VAL A 258 24.07 -23.76 11.68
C VAL A 258 24.94 -22.70 12.35
N ARG A 259 26.25 -22.73 12.08
CA ARG A 259 27.19 -21.79 12.67
C ARG A 259 27.37 -20.53 11.84
N GLY A 260 27.13 -19.38 12.45
CA GLY A 260 27.33 -18.13 11.72
C GLY A 260 28.82 -17.84 11.68
N ALA A 261 29.22 -16.74 11.04
CA ALA A 261 30.64 -16.40 10.98
C ALA A 261 31.02 -16.05 12.42
N ASP A 262 30.06 -15.46 13.12
CA ASP A 262 30.20 -15.07 14.51
C ASP A 262 30.57 -16.29 15.34
N GLY A 263 30.20 -17.47 14.85
CA GLY A 263 30.48 -18.70 15.58
C GLY A 263 29.26 -19.14 16.37
N SER A 264 28.39 -18.20 16.68
CA SER A 264 27.17 -18.50 17.44
C SER A 264 26.19 -19.24 16.54
N PRO A 265 25.28 -20.02 17.15
CA PRO A 265 24.30 -20.77 16.35
C PRO A 265 23.04 -20.01 15.94
N VAL A 267 19.11 -20.70 13.78
CA VAL A 267 18.16 -21.66 13.25
C VAL A 267 18.18 -21.70 11.73
N LEU A 268 18.24 -22.93 11.19
CA LEU A 268 18.24 -23.18 9.75
C LEU A 268 16.78 -23.42 9.45
N GLU A 269 16.21 -24.42 10.14
CA GLU A 269 14.82 -24.76 10.00
C GLU A 269 14.40 -25.47 11.29
N GLU A 271 11.22 -28.25 12.81
CA GLU A 271 10.10 -29.14 12.51
C GLU A 271 9.30 -29.53 13.75
N LEU A 272 8.05 -29.10 13.78
CA LEU A 272 7.18 -29.36 14.92
C LEU A 272 5.97 -30.23 14.61
N CYS A 273 5.67 -30.39 13.32
CA CYS A 273 4.51 -31.18 12.92
C CYS A 273 4.83 -32.64 12.72
N GLU A 274 5.67 -32.94 11.72
CA GLU A 274 6.06 -34.31 11.41
C GLU A 274 7.58 -34.41 11.23
N PRO A 275 8.35 -34.17 12.30
CA PRO A 275 9.80 -34.22 12.23
C PRO A 275 10.46 -35.58 12.31
N SER A 276 11.59 -35.68 11.64
CA SER A 276 12.39 -36.89 11.74
C SER A 276 13.01 -36.52 13.09
N LEU A 277 12.98 -37.44 14.04
CA LEU A 277 13.52 -37.15 15.37
C LEU A 277 14.87 -37.77 15.70
N ASN A 278 15.35 -38.70 14.88
CA ASN A 278 16.63 -39.37 15.09
C ASN A 278 16.64 -40.19 16.38
N LEU A 279 15.51 -40.83 16.66
CA LEU A 279 15.37 -41.64 17.87
C LEU A 279 16.44 -42.71 18.01
N THR A 280 16.84 -43.32 16.90
CA THR A 280 17.83 -44.38 16.93
C THR A 280 19.26 -43.92 17.19
N PHE A 281 19.45 -42.61 17.37
CA PHE A 281 20.77 -42.07 17.65
C PHE A 281 20.91 -41.72 19.13
N SER A 282 19.87 -41.98 19.91
CA SER A 282 19.88 -41.68 21.34
C SER A 282 19.51 -42.98 22.06
N GLU A 283 19.91 -43.12 23.31
CA GLU A 283 19.57 -44.37 24.00
C GLU A 283 18.19 -44.40 24.66
N ASP A 284 17.54 -43.26 24.77
CA ASP A 284 16.21 -43.26 25.38
C ASP A 284 15.24 -42.26 24.75
N GLY A 285 15.62 -41.71 23.61
CA GLY A 285 14.78 -40.74 22.93
C GLY A 285 13.37 -41.23 22.65
N ALA A 286 13.25 -42.46 22.17
CA ALA A 286 11.95 -43.02 21.86
C ALA A 286 11.06 -43.16 23.09
N LEU A 287 11.66 -43.51 24.23
CA LEU A 287 10.90 -43.68 25.46
C LEU A 287 10.38 -42.31 25.92
N ARG A 288 11.21 -41.30 25.79
CA ARG A 288 10.83 -39.95 26.18
C ARG A 288 9.69 -39.46 25.30
N PHE A 289 9.67 -39.90 24.06
CA PHE A 289 8.63 -39.50 23.14
C PHE A 289 7.32 -40.18 23.53
N ALA A 290 7.38 -41.50 23.73
CA ALA A 290 6.19 -42.25 24.11
C ALA A 290 5.63 -41.75 25.43
N GLN A 291 6.50 -41.42 26.37
CA GLN A 291 6.05 -40.93 27.66
C GLN A 291 5.33 -39.59 27.51
N ALA A 292 5.91 -38.69 26.73
CA ALA A 292 5.31 -37.39 26.48
C ALA A 292 3.92 -37.61 25.86
N LEU A 293 3.83 -38.57 24.95
CA LEU A 293 2.56 -38.87 24.31
C LEU A 293 1.60 -39.47 25.32
N ALA A 294 2.12 -40.27 26.25
CA ALA A 294 1.29 -40.91 27.28
C ALA A 294 0.68 -39.87 28.20
N GLU A 295 1.36 -38.74 28.36
CA GLU A 295 0.85 -37.69 29.22
C GLU A 295 -0.30 -36.93 28.56
N ARG A 296 -0.26 -36.83 27.22
CA ARG A 296 -1.31 -36.15 26.46
C ARG A 296 -2.59 -36.95 26.42
N LEU A 297 -2.46 -38.27 26.52
CA LEU A 297 -3.62 -39.14 26.47
C LEU A 297 -4.29 -39.44 27.81
N LYS A 298 -3.72 -38.93 28.90
CA LYS A 298 -4.29 -39.14 30.23
C LYS A 298 -5.80 -38.88 30.23
N GLY B 2 -25.39 -40.40 -13.73
CA GLY B 2 -26.82 -40.22 -13.60
C GLY B 2 -27.26 -38.87 -14.13
N ILE B 3 -28.42 -38.40 -13.70
CA ILE B 3 -28.95 -37.10 -14.15
C ILE B 3 -28.38 -35.96 -13.29
N LEU B 4 -27.69 -35.02 -13.95
CA LEU B 4 -27.10 -33.89 -13.26
C LEU B 4 -28.04 -32.69 -13.20
N ALA B 5 -28.26 -32.16 -12.00
CA ALA B 5 -29.13 -31.00 -11.84
C ALA B 5 -28.28 -29.73 -11.88
N LEU B 6 -28.64 -28.82 -12.79
CA LEU B 6 -27.97 -27.53 -12.96
C LEU B 6 -28.94 -26.49 -12.42
N VAL B 7 -28.59 -25.86 -11.31
CA VAL B 7 -29.47 -24.90 -10.67
C VAL B 7 -29.36 -23.44 -11.10
N THR B 8 -30.50 -22.80 -11.34
CA THR B 8 -30.58 -21.40 -11.75
C THR B 8 -31.89 -20.86 -11.18
N ASP B 9 -32.33 -19.71 -11.69
CA ASP B 9 -33.62 -19.14 -11.29
C ASP B 9 -34.11 -18.21 -12.40
N ALA B 10 -35.43 -18.14 -12.58
CA ALA B 10 -36.06 -17.35 -13.64
C ALA B 10 -35.44 -16.00 -13.93
N VAL B 11 -35.11 -15.27 -12.88
CA VAL B 11 -34.51 -13.95 -13.04
C VAL B 11 -33.08 -13.99 -13.58
N SER B 12 -32.33 -15.03 -13.26
CA SER B 12 -30.92 -15.11 -13.68
C SER B 12 -30.63 -15.83 -14.99
N LEU B 13 -31.42 -16.85 -15.28
CA LEU B 13 -31.22 -17.63 -16.50
C LEU B 13 -30.92 -16.75 -17.73
N PRO B 14 -31.68 -15.64 -17.92
CA PRO B 14 -31.45 -14.75 -19.07
C PRO B 14 -30.01 -14.25 -19.19
N ILE B 15 -29.28 -14.21 -18.08
CA ILE B 15 -27.90 -13.73 -18.13
C ILE B 15 -26.84 -14.79 -17.88
N ASP B 16 -27.24 -16.06 -17.85
CA ASP B 16 -26.29 -17.14 -17.66
C ASP B 16 -25.83 -17.56 -19.07
N TYR B 17 -24.85 -16.84 -19.59
CA TYR B 17 -24.34 -17.12 -20.93
C TYR B 17 -23.65 -18.48 -20.99
N ASP B 18 -23.33 -19.04 -19.83
CA ASP B 18 -22.66 -20.33 -19.75
C ASP B 18 -23.61 -21.51 -19.94
N PRO B 20 -26.13 -22.34 -22.14
CA PRO B 20 -26.23 -23.02 -23.43
C PRO B 20 -25.01 -23.88 -23.77
N PRO B 21 -23.80 -23.30 -23.75
CA PRO B 21 -22.64 -24.13 -24.08
C PRO B 21 -22.43 -25.32 -23.14
N LEU B 22 -22.74 -25.14 -21.86
CA LEU B 22 -22.59 -26.21 -20.87
C LEU B 22 -23.55 -27.38 -21.13
N LEU B 23 -24.79 -27.09 -21.50
CA LEU B 23 -25.74 -28.14 -21.80
C LEU B 23 -25.25 -28.96 -23.00
N GLU B 24 -24.61 -28.27 -23.94
CA GLU B 24 -24.08 -28.94 -25.13
C GLU B 24 -22.87 -29.79 -24.77
N ALA B 25 -22.01 -29.28 -23.90
CA ALA B 25 -20.83 -30.03 -23.47
C ALA B 25 -21.30 -31.30 -22.75
N CYS B 26 -22.24 -31.14 -21.82
CA CYS B 26 -22.77 -32.28 -21.07
C CYS B 26 -23.30 -33.33 -22.05
N ARG B 27 -23.81 -32.86 -23.17
CA ARG B 27 -24.34 -33.73 -24.20
C ARG B 27 -23.18 -34.49 -24.82
N THR B 28 -22.10 -33.77 -25.15
CA THR B 28 -20.92 -34.38 -25.76
C THR B 28 -20.24 -35.43 -24.88
N VAL B 29 -20.06 -35.15 -23.59
CA VAL B 29 -19.42 -36.14 -22.72
C VAL B 29 -20.43 -37.20 -22.27
N GLY B 30 -21.70 -36.97 -22.58
CA GLY B 30 -22.73 -37.94 -22.24
C GLY B 30 -23.38 -37.90 -20.86
N ILE B 31 -23.49 -36.73 -20.25
CA ILE B 31 -24.15 -36.67 -18.95
C ILE B 31 -25.55 -36.11 -19.19
N THR B 32 -26.55 -36.64 -18.50
CA THR B 32 -27.92 -36.16 -18.65
C THR B 32 -28.15 -35.05 -17.63
N ALA B 33 -28.23 -33.81 -18.11
CA ALA B 33 -28.43 -32.67 -17.24
C ALA B 33 -29.84 -32.07 -17.33
N GLU B 34 -30.30 -31.51 -16.23
CA GLU B 34 -31.61 -30.90 -16.19
C GLU B 34 -31.51 -29.53 -15.48
N VAL B 35 -31.96 -28.48 -16.15
CA VAL B 35 -31.93 -27.13 -15.59
C VAL B 35 -33.08 -26.94 -14.61
N CYS B 36 -32.76 -26.60 -13.36
CA CYS B 36 -33.78 -26.42 -12.32
C CYS B 36 -33.76 -25.07 -11.63
N ASP B 37 -34.95 -24.59 -11.27
CA ASP B 37 -35.10 -23.31 -10.57
C ASP B 37 -35.17 -23.61 -9.07
N TRP B 38 -34.23 -23.08 -8.30
CA TRP B 38 -34.19 -23.35 -6.87
C TRP B 38 -35.45 -22.96 -6.10
N GLU B 39 -36.23 -22.03 -6.64
CA GLU B 39 -37.45 -21.61 -5.96
C GLU B 39 -38.65 -22.44 -6.42
N ASP B 40 -38.43 -23.29 -7.41
CA ASP B 40 -39.51 -24.14 -7.90
C ASP B 40 -39.77 -25.26 -6.90
N GLY B 41 -40.93 -25.21 -6.23
CA GLY B 41 -41.26 -26.21 -5.23
C GLY B 41 -41.73 -27.57 -5.73
N THR B 42 -42.14 -27.63 -6.99
CA THR B 42 -42.62 -28.88 -7.57
C THR B 42 -41.48 -29.79 -8.05
N VAL B 43 -40.24 -29.39 -7.76
CA VAL B 43 -39.09 -30.19 -8.17
C VAL B 43 -38.77 -31.23 -7.11
N ASP B 44 -38.45 -32.44 -7.55
CA ASP B 44 -38.10 -33.51 -6.63
C ASP B 44 -36.59 -33.69 -6.70
N TRP B 45 -35.88 -33.00 -5.83
CA TRP B 45 -34.43 -33.07 -5.83
C TRP B 45 -33.86 -34.44 -5.53
N SER B 46 -34.61 -35.28 -4.82
CA SER B 46 -34.13 -36.61 -4.49
C SER B 46 -33.87 -37.38 -5.79
N ARG B 47 -34.51 -36.92 -6.85
CA ARG B 47 -34.40 -37.54 -8.17
C ARG B 47 -33.03 -37.44 -8.85
N PHE B 48 -32.20 -36.48 -8.43
CA PHE B 48 -30.90 -36.29 -9.06
C PHE B 48 -29.72 -37.03 -8.44
N GLU B 49 -28.74 -37.33 -9.28
CA GLU B 49 -27.52 -38.01 -8.88
C GLU B 49 -26.62 -37.05 -8.12
N ALA B 50 -26.62 -35.79 -8.53
CA ALA B 50 -25.80 -34.75 -7.91
C ALA B 50 -26.38 -33.40 -8.31
N VAL B 51 -26.08 -32.37 -7.52
CA VAL B 51 -26.56 -31.03 -7.79
C VAL B 51 -25.41 -30.04 -7.90
N VAL B 52 -25.44 -29.20 -8.93
CA VAL B 52 -24.42 -28.19 -9.13
C VAL B 52 -25.11 -26.85 -9.30
N PHE B 53 -24.66 -25.85 -8.54
CA PHE B 53 -25.25 -24.53 -8.62
C PHE B 53 -24.57 -23.71 -9.70
N ARG B 54 -25.37 -23.29 -10.69
CA ARG B 54 -24.85 -22.51 -11.80
C ARG B 54 -25.23 -21.04 -11.74
N SER B 55 -26.51 -20.74 -11.79
CA SER B 55 -26.91 -19.33 -11.77
C SER B 55 -28.12 -18.95 -10.92
N PRO B 56 -28.16 -19.39 -9.65
CA PRO B 56 -29.26 -19.06 -8.76
C PRO B 56 -28.91 -17.71 -8.15
N TRP B 57 -28.50 -16.79 -9.01
CA TRP B 57 -28.03 -15.48 -8.61
C TRP B 57 -28.94 -14.49 -7.89
N THR B 58 -30.17 -14.88 -7.59
CA THR B 58 -31.05 -13.99 -6.85
C THR B 58 -30.81 -14.25 -5.37
N TRP B 59 -29.95 -15.23 -5.06
CA TRP B 59 -29.64 -15.54 -3.67
C TRP B 59 -29.11 -14.28 -2.99
N ALA B 60 -28.48 -13.41 -3.78
CA ALA B 60 -27.94 -12.16 -3.28
C ALA B 60 -29.03 -11.22 -2.77
N GLU B 61 -30.29 -11.62 -2.96
CA GLU B 61 -31.42 -10.83 -2.52
C GLU B 61 -32.25 -11.64 -1.54
N ARG B 62 -31.87 -12.90 -1.36
CA ARG B 62 -32.55 -13.81 -0.44
C ARG B 62 -31.52 -14.80 0.11
N GLN B 63 -30.41 -14.27 0.60
CA GLN B 63 -29.32 -15.07 1.15
C GLN B 63 -29.81 -16.19 2.07
N ALA B 64 -30.52 -15.80 3.13
CA ALA B 64 -31.04 -16.76 4.09
C ALA B 64 -31.82 -17.88 3.43
N GLU B 65 -32.80 -17.52 2.60
CA GLU B 65 -33.62 -18.53 1.92
C GLU B 65 -32.80 -19.47 1.03
N PHE B 66 -31.84 -18.92 0.29
CA PHE B 66 -31.01 -19.78 -0.56
C PHE B 66 -30.21 -20.79 0.24
N LEU B 67 -29.60 -20.36 1.34
CA LEU B 67 -28.80 -21.28 2.16
C LEU B 67 -29.67 -22.39 2.74
N ALA B 68 -30.89 -22.04 3.13
CA ALA B 68 -31.81 -23.03 3.69
C ALA B 68 -32.16 -24.01 2.57
N PHE B 69 -32.22 -23.50 1.35
CA PHE B 69 -32.53 -24.33 0.19
C PHE B 69 -31.46 -25.38 -0.05
N CYS B 70 -30.21 -24.92 -0.10
CA CYS B 70 -29.09 -25.83 -0.31
C CYS B 70 -29.05 -26.88 0.78
N GLU B 71 -29.27 -26.42 2.01
CA GLU B 71 -29.29 -27.29 3.18
C GLU B 71 -30.31 -28.42 3.03
N ARG B 72 -31.51 -28.07 2.56
CA ARG B 72 -32.57 -29.05 2.35
C ARG B 72 -32.21 -30.03 1.25
N VAL B 73 -31.59 -29.53 0.20
CA VAL B 73 -31.18 -30.36 -0.94
C VAL B 73 -30.09 -31.35 -0.58
N SER B 74 -29.14 -30.92 0.26
CA SER B 74 -28.05 -31.80 0.64
C SER B 74 -28.49 -33.03 1.43
N HIS B 75 -29.71 -33.00 1.99
CA HIS B 75 -30.23 -34.12 2.75
C HIS B 75 -30.89 -35.19 1.89
N VAL B 76 -31.04 -34.92 0.59
CA VAL B 76 -31.68 -35.91 -0.28
C VAL B 76 -30.91 -36.21 -1.55
N THR B 77 -29.80 -35.52 -1.77
CA THR B 77 -28.97 -35.73 -2.95
C THR B 77 -27.58 -35.15 -2.70
N ARG B 78 -26.64 -35.49 -3.57
CA ARG B 78 -25.26 -35.02 -3.40
C ARG B 78 -24.99 -33.67 -4.07
N LEU B 79 -24.29 -32.80 -3.36
CA LEU B 79 -23.94 -31.49 -3.88
C LEU B 79 -22.51 -31.54 -4.38
N ILE B 80 -22.27 -31.05 -5.59
CA ILE B 80 -20.92 -31.05 -6.12
C ILE B 80 -20.08 -30.07 -5.29
N THR B 81 -20.76 -29.12 -4.65
CA THR B 81 -20.13 -28.14 -3.78
C THR B 81 -20.78 -28.30 -2.42
N PRO B 82 -20.17 -29.09 -1.51
CA PRO B 82 -20.71 -29.34 -0.17
C PRO B 82 -21.03 -28.08 0.61
N PRO B 84 -20.25 -26.78 3.46
CA PRO B 84 -19.21 -25.93 4.04
C PRO B 84 -18.64 -24.97 3.01
N LEU B 85 -18.57 -25.42 1.76
CA LEU B 85 -18.06 -24.64 0.64
C LEU B 85 -19.08 -23.53 0.33
N VAL B 86 -20.34 -23.94 0.15
CA VAL B 86 -21.41 -23.00 -0.15
C VAL B 86 -21.48 -21.85 0.85
N ARG B 87 -21.42 -22.15 2.14
CA ARG B 87 -21.51 -21.11 3.16
C ARG B 87 -20.28 -20.20 3.11
N TRP B 88 -19.13 -20.81 2.82
CA TRP B 88 -17.89 -20.07 2.76
C TRP B 88 -17.74 -19.28 1.46
N ALA B 89 -18.00 -19.93 0.32
CA ALA B 89 -17.88 -19.29 -0.99
C ALA B 89 -18.88 -18.16 -1.22
N LEU B 90 -19.99 -18.20 -0.49
CA LEU B 90 -21.04 -17.18 -0.65
C LEU B 90 -20.89 -15.99 0.29
N ASP B 91 -19.69 -15.82 0.85
CA ASP B 91 -19.42 -14.72 1.77
C ASP B 91 -17.98 -14.22 1.61
N LYS B 92 -17.84 -13.01 1.07
CA LYS B 92 -16.53 -12.41 0.84
C LYS B 92 -15.61 -12.33 2.06
N ARG B 93 -16.05 -12.81 3.22
CA ARG B 93 -15.15 -12.81 4.36
C ARG B 93 -14.07 -13.88 4.08
N TYR B 94 -14.25 -14.63 3.00
CA TYR B 94 -13.28 -15.65 2.62
C TYR B 94 -11.94 -15.02 2.25
N LEU B 95 -11.96 -13.73 1.94
CA LEU B 95 -10.75 -12.98 1.59
C LEU B 95 -9.81 -12.92 2.78
N ALA B 96 -10.38 -12.88 3.98
CA ALA B 96 -9.59 -12.82 5.21
C ALA B 96 -8.90 -14.16 5.44
N ASP B 97 -9.57 -15.25 5.04
CA ASP B 97 -9.03 -16.58 5.17
C ASP B 97 -7.93 -16.82 4.14
N LEU B 98 -8.09 -16.24 2.95
CA LEU B 98 -7.08 -16.38 1.90
C LEU B 98 -5.86 -15.59 2.31
N ALA B 99 -6.11 -14.42 2.90
CA ALA B 99 -5.02 -13.56 3.35
C ALA B 99 -4.25 -14.29 4.44
N ALA B 100 -4.96 -15.01 5.31
CA ALA B 100 -4.32 -15.75 6.39
C ALA B 100 -3.40 -16.84 5.86
N HIS B 101 -3.64 -17.30 4.63
CA HIS B 101 -2.81 -18.34 4.05
C HIS B 101 -1.69 -17.75 3.22
N GLY B 102 -1.51 -16.43 3.31
CA GLY B 102 -0.45 -15.78 2.57
C GLY B 102 -0.79 -15.43 1.14
N VAL B 103 -2.05 -15.63 0.75
CA VAL B 103 -2.49 -15.30 -0.60
C VAL B 103 -2.66 -13.80 -0.69
N PRO B 104 -2.03 -13.17 -1.70
CA PRO B 104 -2.18 -11.71 -1.82
C PRO B 104 -3.61 -11.31 -2.17
N VAL B 105 -4.21 -10.45 -1.35
CA VAL B 105 -5.57 -9.99 -1.56
C VAL B 105 -5.65 -8.49 -1.32
N ILE B 106 -6.69 -7.84 -1.83
CA ILE B 106 -6.86 -6.43 -1.60
C ILE B 106 -7.04 -6.24 -0.10
N PRO B 107 -6.34 -5.26 0.49
CA PRO B 107 -6.50 -5.04 1.94
C PRO B 107 -8.00 -4.91 2.21
N THR B 108 -8.53 -5.80 3.03
CA THR B 108 -9.96 -5.81 3.33
C THR B 108 -10.31 -5.73 4.82
N THR B 109 -11.24 -4.83 5.15
CA THR B 109 -11.69 -4.66 6.53
C THR B 109 -13.18 -5.04 6.62
N VAL B 110 -13.49 -5.99 7.49
CA VAL B 110 -14.87 -6.43 7.66
C VAL B 110 -15.59 -5.75 8.80
N VAL B 111 -16.81 -5.27 8.53
CA VAL B 111 -17.62 -4.63 9.55
C VAL B 111 -18.81 -5.58 9.79
N ALA B 112 -19.06 -5.90 11.06
CA ALA B 112 -20.13 -6.81 11.44
C ALA B 112 -21.40 -6.08 11.90
N PRO B 113 -22.57 -6.68 11.65
CA PRO B 113 -23.85 -6.08 12.05
C PRO B 113 -23.79 -5.80 13.54
N GLY B 114 -24.10 -4.56 13.92
CA GLY B 114 -24.05 -4.17 15.31
C GLY B 114 -23.00 -3.10 15.54
N SER B 115 -22.10 -2.92 14.58
CA SER B 115 -21.04 -1.92 14.70
C SER B 115 -21.52 -0.51 14.34
N ASP B 116 -20.77 0.48 14.78
CA ASP B 116 -21.10 1.86 14.49
C ASP B 116 -20.59 2.11 13.07
N ALA B 117 -21.50 2.12 12.11
CA ALA B 117 -21.16 2.32 10.71
C ALA B 117 -20.25 3.51 10.44
N LEU B 118 -20.65 4.70 10.90
CA LEU B 118 -19.86 5.89 10.66
C LEU B 118 -18.47 5.80 11.29
N ALA B 119 -18.39 5.29 12.52
CA ALA B 119 -17.10 5.16 13.19
C ALA B 119 -16.22 4.20 12.39
N ALA B 120 -16.82 3.10 11.93
CA ALA B 120 -16.09 2.12 11.15
C ALA B 120 -15.45 2.77 9.93
N VAL B 121 -16.20 3.63 9.26
CA VAL B 121 -15.72 4.30 8.07
C VAL B 121 -14.62 5.33 8.37
N ARG B 122 -14.81 6.13 9.42
CA ARG B 122 -13.81 7.12 9.80
C ARG B 122 -12.54 6.45 10.32
N ASP B 123 -12.70 5.37 11.08
CA ASP B 123 -11.55 4.65 11.60
C ASP B 123 -10.76 4.09 10.41
N PHE B 124 -11.49 3.61 9.41
CA PHE B 124 -10.87 3.04 8.22
C PHE B 124 -10.09 4.12 7.42
N LEU B 125 -10.71 5.26 7.18
CA LEU B 125 -10.07 6.33 6.43
C LEU B 125 -8.91 6.97 7.21
N ALA B 126 -8.97 6.93 8.53
CA ALA B 126 -7.89 7.51 9.32
C ALA B 126 -6.68 6.58 9.36
N ALA B 127 -6.94 5.28 9.25
CA ALA B 127 -5.88 4.27 9.29
C ALA B 127 -5.29 4.07 7.90
N ARG B 128 -5.97 4.58 6.88
CA ARG B 128 -5.50 4.46 5.50
C ARG B 128 -5.55 5.83 4.83
N PRO B 129 -4.82 6.81 5.37
CA PRO B 129 -4.77 8.17 4.84
C PRO B 129 -4.37 8.26 3.38
N GLU B 130 -3.62 7.29 2.90
CA GLU B 130 -3.16 7.31 1.52
C GLU B 130 -4.23 6.83 0.55
N ALA B 131 -5.36 6.39 1.07
CA ALA B 131 -6.43 5.91 0.20
C ALA B 131 -7.25 7.05 -0.35
N ARG B 132 -6.98 7.40 -1.61
CA ARG B 132 -7.69 8.49 -2.27
C ARG B 132 -9.18 8.19 -2.29
N GLU B 133 -9.51 6.94 -2.60
CA GLU B 133 -10.89 6.50 -2.65
C GLU B 133 -11.00 5.09 -2.07
N PHE B 134 -12.20 4.73 -1.66
CA PHE B 134 -12.40 3.40 -1.11
C PHE B 134 -13.68 2.82 -1.68
N VAL B 135 -13.91 1.55 -1.36
CA VAL B 135 -15.09 0.84 -1.85
C VAL B 135 -15.87 0.19 -0.72
N VAL B 136 -17.19 0.30 -0.81
CA VAL B 136 -18.06 -0.32 0.18
C VAL B 136 -18.85 -1.40 -0.56
N LYS B 137 -19.10 -2.52 0.12
CA LYS B 137 -19.85 -3.61 -0.49
C LYS B 137 -20.22 -4.61 0.57
N PRO B 138 -21.27 -5.41 0.33
CA PRO B 138 -21.69 -6.43 1.30
C PRO B 138 -20.81 -7.67 1.06
N THR B 139 -20.61 -8.47 2.09
CA THR B 139 -19.80 -9.66 1.92
C THR B 139 -20.62 -10.73 1.21
N ASP B 140 -21.92 -10.52 1.08
CA ASP B 140 -22.78 -11.52 0.46
C ASP B 140 -23.57 -11.06 -0.76
N GLY B 141 -22.89 -10.51 -1.75
CA GLY B 141 -23.60 -10.09 -2.94
C GLY B 141 -22.87 -10.56 -4.18
N CYS B 142 -23.38 -10.18 -5.36
CA CYS B 142 -22.76 -10.51 -6.63
C CYS B 142 -23.33 -9.57 -7.68
N TYR B 143 -22.80 -9.62 -8.89
CA TYR B 143 -23.27 -8.76 -9.99
C TYR B 143 -23.27 -7.26 -9.64
N SER B 144 -22.29 -6.82 -8.85
CA SER B 144 -22.17 -5.42 -8.44
C SER B 144 -23.22 -4.96 -7.46
N LYS B 145 -24.04 -5.88 -6.95
CA LYS B 145 -25.08 -5.49 -6.01
C LYS B 145 -24.50 -4.78 -4.80
N ASP B 146 -25.01 -3.60 -4.55
CA ASP B 146 -24.62 -2.74 -3.42
C ASP B 146 -23.12 -2.42 -3.30
N VAL B 147 -22.43 -2.38 -4.44
CA VAL B 147 -21.01 -2.04 -4.43
C VAL B 147 -20.90 -0.58 -4.88
N GLN B 148 -20.14 0.21 -4.14
CA GLN B 148 -19.96 1.61 -4.50
C GLN B 148 -18.58 2.15 -4.15
N ARG B 149 -18.13 3.08 -4.99
CA ARG B 149 -16.85 3.75 -4.87
C ARG B 149 -17.08 5.11 -4.22
N TYR B 150 -16.20 5.51 -3.31
CA TYR B 150 -16.34 6.79 -2.62
C TYR B 150 -15.03 7.53 -2.51
N GLN B 151 -15.11 8.87 -2.54
CA GLN B 151 -13.94 9.71 -2.38
C GLN B 151 -13.81 9.86 -0.87
N ARG B 152 -12.61 10.19 -0.39
CA ARG B 152 -12.37 10.35 1.05
C ARG B 152 -13.33 11.30 1.78
N SER B 153 -13.76 12.37 1.12
CA SER B 153 -14.65 13.32 1.77
C SER B 153 -16.08 12.83 1.94
N LEU B 154 -16.36 11.60 1.55
CA LEU B 154 -17.72 11.10 1.66
C LEU B 154 -17.94 10.03 2.72
N ALA B 155 -17.25 10.14 3.84
CA ALA B 155 -17.40 9.18 4.92
C ALA B 155 -18.87 9.01 5.32
N GLU B 156 -19.61 10.12 5.40
CA GLU B 156 -21.01 10.07 5.81
C GLU B 156 -21.93 9.32 4.86
N PRO B 157 -21.93 9.69 3.56
CA PRO B 157 -22.80 8.96 2.64
C PRO B 157 -22.40 7.48 2.61
N ALA B 158 -21.10 7.23 2.71
CA ALA B 158 -20.56 5.88 2.71
C ALA B 158 -21.04 5.12 3.94
N SER B 159 -21.06 5.78 5.10
CA SER B 159 -21.47 5.13 6.34
C SER B 159 -22.94 4.76 6.30
N ARG B 160 -23.74 5.56 5.61
CA ARG B 160 -25.17 5.33 5.47
C ARG B 160 -25.39 4.07 4.61
N HIS B 161 -24.47 3.88 3.67
CA HIS B 161 -24.51 2.73 2.77
C HIS B 161 -24.12 1.48 3.56
N VAL B 162 -23.13 1.62 4.45
CA VAL B 162 -22.69 0.50 5.28
C VAL B 162 -23.80 0.09 6.24
N ALA B 163 -24.38 1.09 6.90
CA ALA B 163 -25.45 0.88 7.87
C ALA B 163 -26.68 0.19 7.28
N ARG B 164 -27.03 0.55 6.05
CA ARG B 164 -28.17 -0.04 5.38
C ARG B 164 -27.90 -1.52 5.19
N LEU B 165 -26.66 -1.85 4.83
CA LEU B 165 -26.28 -3.24 4.63
C LEU B 165 -26.22 -4.00 5.96
N LEU B 166 -25.63 -3.38 6.97
CA LEU B 166 -25.53 -4.03 8.28
C LEU B 166 -26.90 -4.28 8.89
N ALA B 167 -27.79 -3.30 8.77
CA ALA B 167 -29.14 -3.42 9.31
C ALA B 167 -29.87 -4.56 8.62
N ASN B 168 -29.43 -4.86 7.40
CA ASN B 168 -30.05 -5.91 6.62
C ASN B 168 -29.51 -7.29 6.99
N GLY B 169 -28.58 -7.32 7.94
CA GLY B 169 -28.02 -8.59 8.38
C GLY B 169 -26.73 -9.05 7.73
N SER B 170 -26.26 -8.35 6.71
CA SER B 170 -25.02 -8.76 6.06
C SER B 170 -23.78 -7.98 6.53
N HIS B 171 -22.65 -8.67 6.60
CA HIS B 171 -21.40 -8.02 6.97
C HIS B 171 -21.00 -7.18 5.77
N VAL B 172 -20.26 -6.11 6.03
CA VAL B 172 -19.82 -5.21 4.97
C VAL B 172 -18.31 -5.20 4.87
N ILE B 173 -17.80 -4.97 3.67
CA ILE B 173 -16.36 -4.92 3.47
C ILE B 173 -15.93 -3.53 3.00
N LEU B 174 -14.81 -3.07 3.53
CA LEU B 174 -14.24 -1.78 3.16
C LEU B 174 -12.87 -2.08 2.58
N GLN B 175 -12.58 -1.50 1.43
CA GLN B 175 -11.28 -1.70 0.80
C GLN B 175 -10.88 -0.37 0.17
N PRO B 176 -9.58 -0.14 0.01
CA PRO B 176 -9.20 1.12 -0.62
C PRO B 176 -9.44 0.84 -2.10
N TYR B 177 -9.72 1.87 -2.89
CA TYR B 177 -9.95 1.68 -4.33
C TYR B 177 -8.62 1.41 -5.02
N VAL B 178 -8.53 0.28 -5.72
CA VAL B 178 -7.30 -0.09 -6.41
C VAL B 178 -7.21 0.66 -7.74
N GLU B 179 -6.41 1.72 -7.72
CA GLU B 179 -6.21 2.60 -8.88
C GLU B 179 -6.01 1.97 -10.25
N SER B 180 -5.21 0.90 -10.37
CA SER B 180 -4.98 0.29 -11.68
C SER B 180 -6.28 -0.20 -12.33
N VAL B 181 -7.32 -0.41 -11.52
CA VAL B 181 -8.58 -0.88 -12.06
C VAL B 181 -9.12 0.11 -13.09
N ASP B 182 -8.85 1.40 -12.91
CA ASP B 182 -9.33 2.41 -13.83
C ASP B 182 -8.71 2.38 -15.22
N ARG B 183 -7.49 1.86 -15.32
CA ARG B 183 -6.83 1.80 -16.62
C ARG B 183 -6.65 0.39 -17.15
N HIS B 184 -6.66 -0.59 -16.26
CA HIS B 184 -6.46 -1.99 -16.67
C HIS B 184 -7.57 -2.94 -16.25
N GLY B 185 -8.56 -2.42 -15.54
CA GLY B 185 -9.65 -3.28 -15.10
C GLY B 185 -9.16 -4.41 -14.22
N GLU B 186 -9.67 -5.60 -14.47
CA GLU B 186 -9.31 -6.80 -13.70
C GLU B 186 -9.21 -8.01 -14.63
N THR B 187 -8.57 -9.07 -14.16
CA THR B 187 -8.45 -10.28 -14.96
C THR B 187 -9.11 -11.43 -14.20
N ASP B 188 -9.99 -12.16 -14.88
CA ASP B 188 -10.69 -13.29 -14.26
C ASP B 188 -10.21 -14.60 -14.86
N LEU B 189 -9.66 -15.48 -14.02
CA LEU B 189 -9.16 -16.76 -14.47
C LEU B 189 -10.12 -17.89 -14.09
N THR B 190 -10.48 -18.71 -15.06
CA THR B 190 -11.37 -19.82 -14.85
C THR B 190 -10.54 -21.09 -14.69
N PHE B 191 -10.85 -21.89 -13.67
CA PHE B 191 -10.14 -23.15 -13.44
C PHE B 191 -11.12 -24.30 -13.34
N PHE B 192 -10.68 -25.47 -13.78
CA PHE B 192 -11.49 -26.69 -13.69
C PHE B 192 -10.57 -27.75 -13.10
N ASP B 193 -10.99 -28.35 -11.99
CA ASP B 193 -10.21 -29.37 -11.32
C ASP B 193 -8.80 -28.88 -11.02
N GLY B 194 -8.68 -27.60 -10.66
CA GLY B 194 -7.38 -27.06 -10.33
C GLY B 194 -6.46 -26.74 -11.50
N VAL B 195 -6.95 -26.87 -12.73
CA VAL B 195 -6.13 -26.58 -13.89
C VAL B 195 -6.67 -25.36 -14.61
N TYR B 196 -5.78 -24.41 -14.90
CA TYR B 196 -6.16 -23.19 -15.60
C TYR B 196 -6.76 -23.52 -16.97
N SER B 197 -7.84 -22.83 -17.32
CA SER B 197 -8.50 -23.03 -18.59
C SER B 197 -8.36 -21.82 -19.50
N HIS B 198 -8.86 -20.69 -19.02
CA HIS B 198 -8.84 -19.45 -19.78
C HIS B 198 -9.08 -18.28 -18.85
N ALA B 199 -9.15 -17.09 -19.42
CA ALA B 199 -9.38 -15.89 -18.63
C ALA B 199 -9.89 -14.76 -19.49
N ILE B 200 -10.40 -13.73 -18.82
CA ILE B 200 -10.89 -12.58 -19.53
C ILE B 200 -10.47 -11.33 -18.81
N HIS B 201 -10.59 -10.22 -19.52
CA HIS B 201 -10.30 -8.93 -18.94
C HIS B 201 -11.70 -8.37 -18.75
N LYS B 202 -11.93 -7.70 -17.63
CA LYS B 202 -13.22 -7.11 -17.39
C LYS B 202 -12.96 -5.64 -17.07
N GLY B 203 -13.70 -4.76 -17.71
CA GLY B 203 -13.52 -3.33 -17.48
C GLY B 203 -13.90 -2.94 -16.07
N ALA B 204 -13.59 -1.71 -15.69
CA ALA B 204 -13.92 -1.21 -14.37
C ALA B 204 -15.44 -1.08 -14.27
N LEU B 206 -16.84 0.48 -11.40
CA LEU B 206 -17.07 1.67 -10.60
C LEU B 206 -16.45 2.90 -11.24
N PRO B 208 -15.63 6.97 -11.84
CA PRO B 208 -15.24 8.08 -10.96
C PRO B 208 -16.42 8.94 -10.54
N ASP B 209 -17.48 8.93 -11.33
CA ASP B 209 -18.67 9.74 -11.03
C ASP B 209 -19.72 9.03 -10.18
N GLY B 210 -19.43 7.82 -9.72
CA GLY B 210 -20.39 7.12 -8.88
C GLY B 210 -21.31 6.19 -9.64
N THR B 211 -21.13 6.09 -10.96
CA THR B 211 -21.94 5.19 -11.76
C THR B 211 -21.45 3.78 -11.48
N VAL B 212 -22.38 2.85 -11.30
CA VAL B 212 -22.01 1.47 -11.03
C VAL B 212 -22.56 0.60 -12.14
N HIS B 213 -21.66 -0.09 -12.84
CA HIS B 213 -22.07 -0.96 -13.94
C HIS B 213 -22.15 -2.40 -13.51
N VAL B 214 -22.81 -3.21 -14.33
CA VAL B 214 -22.90 -4.65 -14.06
C VAL B 214 -22.12 -5.29 -15.21
N PRO B 215 -21.43 -6.40 -14.93
CA PRO B 215 -20.61 -7.11 -15.92
C PRO B 215 -21.35 -7.77 -17.09
N THR B 216 -21.89 -6.97 -18.00
CA THR B 216 -22.56 -7.52 -19.17
C THR B 216 -21.48 -7.89 -20.18
N LEU B 217 -21.84 -8.66 -21.19
CA LEU B 217 -20.88 -9.11 -22.21
C LEU B 217 -19.99 -8.05 -22.85
N ASP B 218 -20.51 -6.83 -23.01
CA ASP B 218 -19.72 -5.76 -23.61
C ASP B 218 -18.60 -5.25 -22.72
N PHE B 219 -18.52 -5.74 -21.49
CA PHE B 219 -17.44 -5.32 -20.58
C PHE B 219 -16.41 -6.43 -20.42
N ARG B 220 -16.60 -7.54 -21.15
CA ARG B 220 -15.68 -8.67 -21.06
C ARG B 220 -14.95 -8.89 -22.37
N GLN B 221 -13.74 -9.40 -22.25
CA GLN B 221 -12.92 -9.66 -23.43
C GLN B 221 -11.96 -10.80 -23.11
N ALA B 222 -11.82 -11.74 -24.03
CA ALA B 222 -10.92 -12.88 -23.84
C ALA B 222 -9.50 -12.40 -23.61
N ARG B 223 -8.81 -13.03 -22.66
CA ARG B 223 -7.43 -12.66 -22.37
C ARG B 223 -6.62 -13.83 -21.81
N ASP B 224 -5.33 -13.86 -22.16
CA ASP B 224 -4.45 -14.90 -21.65
C ASP B 224 -3.86 -14.34 -20.37
N ALA B 225 -4.04 -15.07 -19.28
CA ALA B 225 -3.53 -14.63 -17.99
C ALA B 225 -2.02 -14.65 -18.01
N ASP B 226 -1.39 -13.70 -17.32
CA ASP B 226 0.06 -13.66 -17.26
C ASP B 226 0.55 -14.73 -16.27
N GLU B 227 1.85 -15.02 -16.31
CA GLU B 227 2.42 -16.02 -15.42
C GLU B 227 2.23 -15.62 -13.95
N ASP B 228 2.35 -14.32 -13.65
CA ASP B 228 2.18 -13.88 -12.27
C ASP B 228 0.73 -13.97 -11.80
N GLN B 229 -0.21 -13.78 -12.72
CA GLN B 229 -1.61 -13.89 -12.35
C GLN B 229 -1.96 -15.35 -12.09
N ARG B 230 -1.37 -16.25 -12.86
CA ARG B 230 -1.61 -17.68 -12.71
C ARG B 230 -1.15 -18.14 -11.32
N ALA B 231 -0.02 -17.61 -10.87
CA ALA B 231 0.55 -17.96 -9.58
C ALA B 231 -0.39 -17.65 -8.41
N VAL B 232 -0.88 -16.42 -8.34
CA VAL B 232 -1.78 -16.05 -7.26
C VAL B 232 -3.07 -16.88 -7.29
N ALA B 233 -3.58 -17.14 -8.50
CA ALA B 233 -4.81 -17.93 -8.64
C ALA B 233 -4.57 -19.33 -8.08
N ALA B 234 -3.45 -19.93 -8.44
CA ALA B 234 -3.09 -21.26 -7.97
C ALA B 234 -3.02 -21.25 -6.43
N ALA B 235 -2.43 -20.20 -5.90
CA ALA B 235 -2.31 -20.02 -4.46
C ALA B 235 -3.69 -19.89 -3.83
N ALA B 236 -4.58 -19.16 -4.49
CA ALA B 236 -5.93 -18.94 -4.00
C ALA B 236 -6.70 -20.24 -3.88
N LEU B 237 -6.71 -21.04 -4.94
CA LEU B 237 -7.40 -22.32 -4.94
C LEU B 237 -6.83 -23.31 -3.92
N ALA B 238 -5.50 -23.42 -3.86
CA ALA B 238 -4.87 -24.35 -2.92
C ALA B 238 -5.26 -23.95 -1.50
N ALA B 239 -5.27 -22.66 -1.22
CA ALA B 239 -5.64 -22.17 0.12
C ALA B 239 -7.10 -22.51 0.40
N SER B 240 -7.94 -22.42 -0.64
CA SER B 240 -9.34 -22.74 -0.46
C SER B 240 -9.47 -24.23 -0.13
N VAL B 241 -8.77 -25.06 -0.89
CA VAL B 241 -8.79 -26.50 -0.65
C VAL B 241 -8.34 -26.84 0.78
N ALA B 242 -7.23 -26.23 1.19
CA ALA B 242 -6.66 -26.45 2.52
C ALA B 242 -7.59 -26.02 3.67
N HIS B 243 -8.11 -24.79 3.57
CA HIS B 243 -8.99 -24.21 4.59
C HIS B 243 -10.27 -24.99 4.83
N LEU B 244 -10.85 -25.53 3.77
CA LEU B 244 -12.11 -26.26 3.88
C LEU B 244 -11.98 -27.75 4.06
N GLY B 245 -10.79 -28.28 3.78
CA GLY B 245 -10.59 -29.72 3.91
C GLY B 245 -11.12 -30.49 2.71
N LEU B 246 -11.19 -29.82 1.56
CA LEU B 246 -11.67 -30.45 0.35
C LEU B 246 -10.75 -31.59 -0.06
N ASP B 247 -11.32 -32.78 -0.25
CA ASP B 247 -10.54 -33.96 -0.64
C ASP B 247 -10.33 -34.05 -2.14
N LEU B 248 -10.85 -33.06 -2.86
CA LEU B 248 -10.72 -33.00 -4.31
C LEU B 248 -10.63 -31.53 -4.68
N PRO B 249 -9.91 -31.20 -5.76
CA PRO B 249 -9.85 -29.78 -6.08
C PRO B 249 -11.26 -29.24 -6.39
N LEU B 250 -11.34 -27.97 -6.74
CA LEU B 250 -12.64 -27.40 -7.06
C LEU B 250 -12.95 -27.77 -8.50
N VAL B 251 -14.14 -28.30 -8.73
CA VAL B 251 -14.57 -28.69 -10.06
C VAL B 251 -14.37 -27.52 -11.02
N CYS B 252 -14.81 -26.35 -10.60
CA CYS B 252 -14.67 -25.13 -11.40
C CYS B 252 -14.43 -23.99 -10.43
N GLY B 253 -13.94 -22.89 -10.96
CA GLY B 253 -13.68 -21.74 -10.11
C GLY B 253 -13.19 -20.56 -10.89
N ARG B 254 -13.49 -19.38 -10.38
CA ARG B 254 -13.03 -18.17 -11.02
C ARG B 254 -12.35 -17.33 -9.96
N VAL B 255 -11.16 -16.82 -10.30
CA VAL B 255 -10.40 -15.97 -9.42
C VAL B 255 -10.20 -14.65 -10.16
N ASP B 256 -10.54 -13.54 -9.52
CA ASP B 256 -10.41 -12.23 -10.13
C ASP B 256 -9.23 -11.47 -9.52
N LEU B 257 -8.32 -11.04 -10.38
CA LEU B 257 -7.10 -10.34 -9.97
C LEU B 257 -7.00 -8.90 -10.48
N VAL B 258 -6.50 -8.03 -9.61
CA VAL B 258 -6.27 -6.63 -9.96
C VAL B 258 -4.84 -6.37 -9.56
N ARG B 259 -4.19 -5.39 -10.18
CA ARG B 259 -2.80 -5.12 -9.82
C ARG B 259 -2.63 -3.99 -8.82
N GLY B 260 -1.80 -4.26 -7.80
CA GLY B 260 -1.53 -3.28 -6.77
C GLY B 260 -0.48 -2.26 -7.19
N ALA B 261 -0.13 -1.36 -6.28
CA ALA B 261 0.84 -0.33 -6.58
C ALA B 261 2.16 -0.86 -7.17
N ASP B 262 2.62 -2.00 -6.67
CA ASP B 262 3.87 -2.59 -7.13
C ASP B 262 3.77 -3.39 -8.43
N GLY B 263 2.56 -3.48 -8.99
CA GLY B 263 2.39 -4.22 -10.23
C GLY B 263 2.01 -5.68 -10.07
N SER B 264 2.25 -6.26 -8.90
CA SER B 264 1.91 -7.67 -8.67
C SER B 264 0.39 -7.78 -8.51
N PRO B 265 -0.18 -8.93 -8.89
CA PRO B 265 -1.63 -9.13 -8.79
C PRO B 265 -2.12 -9.61 -7.42
N VAL B 267 -5.95 -10.83 -5.20
CA VAL B 267 -7.35 -11.25 -5.32
C VAL B 267 -8.36 -10.16 -4.98
N LEU B 268 -9.32 -9.98 -5.87
CA LEU B 268 -10.40 -9.01 -5.71
C LEU B 268 -11.54 -9.82 -5.10
N GLU B 269 -11.86 -10.92 -5.75
CA GLU B 269 -12.90 -11.80 -5.29
C GLU B 269 -12.68 -13.15 -5.96
N GLU B 271 -14.98 -16.80 -6.99
CA GLU B 271 -16.25 -17.51 -7.01
C GLU B 271 -16.09 -19.01 -7.16
N LEU B 272 -16.40 -19.73 -6.09
CA LEU B 272 -16.28 -21.17 -6.07
C LEU B 272 -17.60 -21.92 -5.99
N CYS B 273 -18.69 -21.21 -5.72
CA CYS B 273 -19.98 -21.87 -5.61
C CYS B 273 -20.81 -21.84 -6.91
N GLU B 274 -21.35 -20.68 -7.25
CA GLU B 274 -22.16 -20.51 -8.45
C GLU B 274 -21.57 -19.45 -9.38
N PRO B 275 -20.32 -19.67 -9.81
CA PRO B 275 -19.58 -18.76 -10.68
C PRO B 275 -19.93 -18.61 -12.17
N SER B 276 -19.79 -17.39 -12.65
CA SER B 276 -19.96 -17.11 -14.06
C SER B 276 -18.56 -17.52 -14.51
N LEU B 277 -18.48 -18.39 -15.51
CA LEU B 277 -17.21 -18.94 -15.97
C LEU B 277 -16.65 -18.38 -17.27
N ASN B 278 -17.47 -17.63 -18.01
CA ASN B 278 -17.03 -17.07 -19.29
C ASN B 278 -16.65 -18.16 -20.28
N LEU B 279 -17.49 -19.17 -20.40
CA LEU B 279 -17.24 -20.29 -21.29
C LEU B 279 -17.29 -19.94 -22.78
N THR B 280 -18.19 -19.04 -23.14
CA THR B 280 -18.30 -18.66 -24.54
C THR B 280 -17.10 -17.81 -24.94
N PHE B 281 -16.16 -17.63 -24.00
CA PHE B 281 -14.95 -16.86 -24.25
C PHE B 281 -13.73 -17.76 -24.43
N SER B 282 -13.90 -19.05 -24.20
CA SER B 282 -12.78 -19.97 -24.31
C SER B 282 -12.91 -20.93 -25.48
N GLU B 283 -11.83 -21.67 -25.75
CA GLU B 283 -11.80 -22.64 -26.83
C GLU B 283 -12.48 -23.94 -26.43
N ASP B 284 -12.40 -24.31 -25.16
CA ASP B 284 -13.05 -25.53 -24.69
C ASP B 284 -13.39 -25.50 -23.21
N GLY B 285 -13.81 -24.33 -22.74
CA GLY B 285 -14.16 -24.17 -21.34
C GLY B 285 -15.33 -25.06 -20.98
N ALA B 286 -16.36 -25.06 -21.83
CA ALA B 286 -17.54 -25.86 -21.60
C ALA B 286 -17.18 -27.34 -21.54
N LEU B 287 -16.44 -27.79 -22.55
CA LEU B 287 -16.02 -29.20 -22.61
C LEU B 287 -15.21 -29.61 -21.39
N ARG B 288 -14.28 -28.75 -20.97
CA ARG B 288 -13.46 -29.04 -19.79
C ARG B 288 -14.30 -29.12 -18.52
N PHE B 289 -15.30 -28.25 -18.42
CA PHE B 289 -16.17 -28.20 -17.27
C PHE B 289 -17.01 -29.48 -17.21
N ALA B 290 -17.58 -29.84 -18.36
CA ALA B 290 -18.40 -31.05 -18.44
C ALA B 290 -17.60 -32.31 -18.10
N GLN B 291 -16.37 -32.41 -18.61
CA GLN B 291 -15.53 -33.57 -18.33
C GLN B 291 -15.23 -33.66 -16.83
N ALA B 292 -15.01 -32.51 -16.21
CA ALA B 292 -14.74 -32.48 -14.77
C ALA B 292 -15.97 -32.93 -14.01
N LEU B 293 -17.14 -32.45 -14.41
CA LEU B 293 -18.38 -32.82 -13.76
C LEU B 293 -18.62 -34.33 -13.87
N ALA B 294 -18.39 -34.85 -15.07
CA ALA B 294 -18.57 -36.28 -15.33
C ALA B 294 -17.82 -37.14 -14.31
N GLU B 295 -16.55 -36.82 -14.09
CA GLU B 295 -15.74 -37.57 -13.15
C GLU B 295 -16.36 -37.56 -11.75
N ARG B 296 -17.09 -36.51 -11.43
CA ARG B 296 -17.73 -36.40 -10.13
C ARG B 296 -18.99 -37.26 -10.09
N LEU B 297 -19.41 -37.74 -11.26
CA LEU B 297 -20.61 -38.57 -11.36
C LEU B 297 -20.21 -40.04 -11.43
N LYS B 298 -19.03 -40.29 -11.99
CA LYS B 298 -18.48 -41.63 -12.14
C LYS B 298 -18.02 -42.15 -10.76
N GLY C 2 -13.96 49.38 0.84
CA GLY C 2 -12.66 50.01 1.05
C GLY C 2 -11.83 49.77 -0.20
N ILE C 3 -10.53 50.02 -0.12
CA ILE C 3 -9.63 49.83 -1.24
C ILE C 3 -9.48 48.35 -1.61
N LEU C 4 -9.62 48.05 -2.90
CA LEU C 4 -9.51 46.68 -3.40
C LEU C 4 -8.20 46.54 -4.17
N ALA C 5 -7.34 45.62 -3.72
CA ALA C 5 -6.08 45.40 -4.39
C ALA C 5 -6.24 44.42 -5.54
N LEU C 6 -5.72 44.77 -6.70
CA LEU C 6 -5.78 43.92 -7.88
C LEU C 6 -4.34 43.47 -8.13
N VAL C 7 -4.01 42.25 -7.69
CA VAL C 7 -2.67 41.71 -7.82
C VAL C 7 -2.17 41.27 -9.18
N THR C 8 -0.96 41.69 -9.52
CA THR C 8 -0.33 41.33 -10.78
C THR C 8 1.15 41.25 -10.48
N ASP C 9 1.98 41.28 -11.53
CA ASP C 9 3.41 41.30 -11.35
C ASP C 9 4.01 41.95 -12.59
N ALA C 10 5.15 42.61 -12.40
CA ALA C 10 5.82 43.34 -13.46
C ALA C 10 5.83 42.69 -14.83
N VAL C 11 6.21 41.43 -14.88
CA VAL C 11 6.30 40.72 -16.15
C VAL C 11 4.96 40.41 -16.82
N SER C 12 3.92 40.18 -16.02
CA SER C 12 2.59 39.81 -16.55
C SER C 12 1.67 40.95 -16.95
N LEU C 13 1.73 42.06 -16.22
CA LEU C 13 0.85 43.20 -16.46
C LEU C 13 0.68 43.61 -17.92
N PRO C 14 1.77 43.66 -18.69
CA PRO C 14 1.62 44.06 -20.10
C PRO C 14 0.83 43.04 -20.91
N ILE C 15 0.55 41.90 -20.30
CA ILE C 15 -0.20 40.84 -20.97
C ILE C 15 -1.57 40.63 -20.33
N ASP C 16 -1.89 41.47 -19.35
CA ASP C 16 -3.18 41.40 -18.65
C ASP C 16 -4.12 42.33 -19.41
N TYR C 17 -4.83 41.78 -20.39
CA TYR C 17 -5.74 42.57 -21.20
C TYR C 17 -7.00 43.03 -20.48
N ASP C 18 -7.31 42.35 -19.38
CA ASP C 18 -8.50 42.68 -18.59
C ASP C 18 -8.33 43.86 -17.65
N PRO C 20 -7.13 47.10 -17.96
CA PRO C 20 -7.65 48.41 -18.33
C PRO C 20 -9.17 48.53 -18.16
N PRO C 21 -9.94 47.67 -18.85
CA PRO C 21 -11.40 47.74 -18.72
C PRO C 21 -11.91 47.42 -17.32
N LEU C 22 -11.16 46.63 -16.56
CA LEU C 22 -11.59 46.30 -15.22
C LEU C 22 -11.47 47.53 -14.33
N LEU C 23 -10.42 48.31 -14.55
CA LEU C 23 -10.22 49.51 -13.77
C LEU C 23 -11.37 50.48 -14.07
N GLU C 24 -11.73 50.62 -15.33
CA GLU C 24 -12.83 51.52 -15.68
C GLU C 24 -14.13 51.05 -15.00
N ALA C 25 -14.40 49.75 -15.11
CA ALA C 25 -15.60 49.17 -14.52
C ALA C 25 -15.64 49.44 -13.02
N CYS C 26 -14.49 49.35 -12.37
CA CYS C 26 -14.42 49.61 -10.93
C CYS C 26 -14.78 51.06 -10.67
N ARG C 27 -14.38 51.91 -11.60
CA ARG C 27 -14.62 53.35 -11.53
C ARG C 27 -16.12 53.64 -11.55
N THR C 28 -16.83 53.08 -12.51
CA THR C 28 -18.26 53.30 -12.62
C THR C 28 -19.03 52.72 -11.44
N VAL C 29 -18.66 51.51 -11.02
CA VAL C 29 -19.33 50.87 -9.91
C VAL C 29 -18.96 51.48 -8.55
N GLY C 30 -17.97 52.37 -8.55
CA GLY C 30 -17.59 53.02 -7.31
C GLY C 30 -16.55 52.35 -6.44
N ILE C 31 -15.81 51.40 -6.98
CA ILE C 31 -14.78 50.71 -6.21
C ILE C 31 -13.43 51.41 -6.36
N THR C 32 -12.71 51.54 -5.25
CA THR C 32 -11.39 52.14 -5.28
C THR C 32 -10.41 50.98 -5.37
N ALA C 33 -9.80 50.81 -6.54
CA ALA C 33 -8.87 49.72 -6.76
C ALA C 33 -7.42 50.18 -6.88
N GLU C 34 -6.49 49.27 -6.63
CA GLU C 34 -5.06 49.58 -6.74
C GLU C 34 -4.31 48.37 -7.32
N VAL C 35 -3.57 48.59 -8.40
CA VAL C 35 -2.81 47.53 -9.02
C VAL C 35 -1.52 47.33 -8.26
N CYS C 36 -1.36 46.16 -7.64
CA CYS C 36 -0.16 45.86 -6.88
C CYS C 36 0.58 44.64 -7.42
N ASP C 37 1.91 44.65 -7.27
CA ASP C 37 2.74 43.55 -7.70
C ASP C 37 3.01 42.70 -6.47
N TRP C 38 2.68 41.40 -6.54
CA TRP C 38 2.89 40.55 -5.39
C TRP C 38 4.34 40.46 -4.93
N GLU C 39 5.27 40.81 -5.82
CA GLU C 39 6.70 40.77 -5.48
C GLU C 39 7.25 42.11 -5.00
N ASP C 40 6.38 43.10 -4.84
CA ASP C 40 6.80 44.42 -4.36
C ASP C 40 6.73 44.47 -2.83
N GLY C 41 7.88 44.43 -2.18
CA GLY C 41 7.92 44.46 -0.73
C GLY C 41 7.50 45.75 -0.07
N THR C 42 7.33 46.81 -0.85
CA THR C 42 6.95 48.11 -0.31
C THR C 42 5.46 48.26 -0.03
N VAL C 43 4.63 47.33 -0.49
CA VAL C 43 3.19 47.46 -0.24
C VAL C 43 2.74 46.84 1.07
N ASP C 44 1.96 47.61 1.82
CA ASP C 44 1.42 47.16 3.09
C ASP C 44 0.04 46.60 2.77
N TRP C 45 -0.04 45.28 2.67
CA TRP C 45 -1.29 44.64 2.34
C TRP C 45 -2.38 44.81 3.39
N SER C 46 -1.99 45.24 4.58
CA SER C 46 -2.96 45.44 5.67
C SER C 46 -3.90 46.61 5.42
N ARG C 47 -3.53 47.50 4.50
CA ARG C 47 -4.35 48.67 4.22
C ARG C 47 -5.44 48.41 3.18
N PHE C 48 -5.58 47.16 2.73
CA PHE C 48 -6.61 46.81 1.74
C PHE C 48 -7.81 46.16 2.40
N GLU C 49 -9.00 46.42 1.86
CA GLU C 49 -10.23 45.85 2.38
C GLU C 49 -10.31 44.40 1.95
N ALA C 50 -9.87 44.15 0.72
CA ALA C 50 -9.87 42.82 0.15
C ALA C 50 -8.84 42.76 -0.97
N VAL C 51 -8.51 41.54 -1.38
CA VAL C 51 -7.51 41.33 -2.43
C VAL C 51 -8.02 40.35 -3.49
N VAL C 52 -7.75 40.68 -4.75
CA VAL C 52 -8.14 39.84 -5.86
C VAL C 52 -6.90 39.57 -6.70
N PHE C 53 -6.67 38.31 -7.02
CA PHE C 53 -5.52 37.93 -7.82
C PHE C 53 -5.92 37.99 -9.28
N ARG C 54 -5.36 38.95 -10.01
CA ARG C 54 -5.69 39.10 -11.42
C ARG C 54 -4.66 38.49 -12.35
N SER C 55 -3.44 39.03 -12.35
CA SER C 55 -2.40 38.52 -13.25
C SER C 55 -1.01 38.28 -12.67
N PRO C 56 -0.91 37.61 -11.50
CA PRO C 56 0.42 37.35 -10.92
C PRO C 56 0.95 36.13 -11.64
N TRP C 57 0.88 36.18 -12.97
CA TRP C 57 1.26 35.04 -13.79
C TRP C 57 2.70 34.51 -13.78
N THR C 58 3.59 35.10 -12.99
CA THR C 58 4.94 34.54 -12.93
C THR C 58 4.93 33.45 -11.85
N TRP C 59 3.80 33.27 -11.19
CA TRP C 59 3.71 32.24 -10.13
C TRP C 59 3.98 30.88 -10.74
N ALA C 60 3.73 30.74 -12.03
CA ALA C 60 3.96 29.47 -12.71
C ALA C 60 5.44 29.12 -12.68
N GLU C 61 6.27 30.10 -12.34
CA GLU C 61 7.72 29.89 -12.27
C GLU C 61 8.15 29.68 -10.84
N ARG C 62 7.42 30.29 -9.91
CA ARG C 62 7.72 30.17 -8.49
C ARG C 62 6.44 29.84 -7.73
N GLN C 63 5.96 28.62 -7.95
CA GLN C 63 4.73 28.15 -7.34
C GLN C 63 4.67 28.30 -5.82
N ALA C 64 5.50 27.54 -5.11
CA ALA C 64 5.52 27.59 -3.65
C ALA C 64 5.61 29.00 -3.13
N GLU C 65 6.42 29.82 -3.79
CA GLU C 65 6.61 31.21 -3.39
C GLU C 65 5.33 32.03 -3.46
N PHE C 66 4.56 31.87 -4.53
CA PHE C 66 3.31 32.60 -4.64
C PHE C 66 2.32 32.13 -3.58
N LEU C 67 2.23 30.81 -3.38
CA LEU C 67 1.32 30.26 -2.39
C LEU C 67 1.66 30.87 -1.02
N ALA C 68 2.95 30.94 -0.71
CA ALA C 68 3.43 31.51 0.53
C ALA C 68 2.93 32.95 0.64
N PHE C 69 3.08 33.71 -0.44
CA PHE C 69 2.65 35.10 -0.48
C PHE C 69 1.17 35.22 -0.15
N CYS C 70 0.36 34.39 -0.80
CA CYS C 70 -1.08 34.40 -0.57
C CYS C 70 -1.39 34.08 0.89
N GLU C 71 -0.70 33.08 1.42
CA GLU C 71 -0.88 32.67 2.82
C GLU C 71 -0.62 33.82 3.78
N ARG C 72 0.54 34.47 3.62
CA ARG C 72 0.88 35.59 4.48
C ARG C 72 -0.14 36.73 4.37
N VAL C 73 -0.65 36.95 3.16
CA VAL C 73 -1.60 38.02 2.94
C VAL C 73 -2.94 37.76 3.61
N SER C 74 -3.33 36.49 3.67
CA SER C 74 -4.61 36.09 4.26
C SER C 74 -4.73 36.43 5.75
N HIS C 75 -3.61 36.75 6.39
CA HIS C 75 -3.64 37.08 7.81
C HIS C 75 -3.83 38.57 8.00
N VAL C 76 -3.46 39.31 6.97
CA VAL C 76 -3.50 40.77 6.99
C VAL C 76 -4.75 41.42 6.38
N THR C 77 -5.34 40.76 5.40
CA THR C 77 -6.53 41.30 4.75
C THR C 77 -7.43 40.17 4.23
N ARG C 78 -8.51 40.53 3.57
CA ARG C 78 -9.43 39.54 3.04
C ARG C 78 -9.17 39.12 1.59
N LEU C 79 -9.15 37.81 1.36
CA LEU C 79 -8.93 37.31 0.01
C LEU C 79 -10.30 36.99 -0.56
N ILE C 80 -10.65 37.61 -1.69
CA ILE C 80 -11.93 37.35 -2.32
C ILE C 80 -11.97 35.85 -2.59
N THR C 81 -10.83 35.30 -3.03
CA THR C 81 -10.73 33.87 -3.25
C THR C 81 -9.85 33.35 -2.11
N PRO C 82 -10.48 32.73 -1.09
CA PRO C 82 -9.80 32.16 0.09
C PRO C 82 -8.75 31.10 -0.23
N PRO C 84 -8.20 27.96 0.61
CA PRO C 84 -8.56 26.63 0.16
C PRO C 84 -8.80 26.59 -1.36
N LEU C 85 -9.39 27.66 -1.88
CA LEU C 85 -9.66 27.77 -3.31
C LEU C 85 -8.35 27.99 -4.07
N VAL C 86 -7.55 28.93 -3.59
CA VAL C 86 -6.27 29.25 -4.20
C VAL C 86 -5.40 28.02 -4.43
N ARG C 87 -5.23 27.20 -3.38
CA ARG C 87 -4.41 26.01 -3.50
C ARG C 87 -4.99 25.03 -4.51
N TRP C 88 -6.26 24.73 -4.36
CA TRP C 88 -6.96 23.81 -5.24
C TRP C 88 -6.97 24.30 -6.68
N ALA C 89 -7.30 25.58 -6.85
CA ALA C 89 -7.40 26.21 -8.16
C ALA C 89 -6.09 26.33 -8.91
N LEU C 90 -4.98 26.44 -8.19
CA LEU C 90 -3.68 26.59 -8.81
C LEU C 90 -3.00 25.27 -9.16
N ASP C 91 -3.76 24.19 -9.16
CA ASP C 91 -3.20 22.87 -9.48
C ASP C 91 -4.19 22.05 -10.29
N LYS C 92 -3.83 21.69 -11.51
CA LYS C 92 -4.74 20.94 -12.38
C LYS C 92 -5.18 19.57 -11.87
N ARG C 93 -4.76 19.22 -10.65
CA ARG C 93 -5.20 17.96 -10.07
C ARG C 93 -6.70 18.09 -9.77
N TYR C 94 -7.23 19.30 -9.91
CA TYR C 94 -8.66 19.54 -9.66
C TYR C 94 -9.51 18.85 -10.73
N LEU C 95 -8.85 18.37 -11.79
CA LEU C 95 -9.59 17.71 -12.85
C LEU C 95 -10.22 16.39 -12.38
N ALA C 96 -9.53 15.70 -11.45
CA ALA C 96 -10.04 14.44 -10.93
C ALA C 96 -11.23 14.68 -10.01
N ASP C 97 -11.25 15.82 -9.33
CA ASP C 97 -12.35 16.16 -8.44
C ASP C 97 -13.59 16.53 -9.27
N LEU C 98 -13.38 17.25 -10.37
CA LEU C 98 -14.51 17.61 -11.23
C LEU C 98 -15.11 16.32 -11.77
N ALA C 99 -14.23 15.38 -12.13
CA ALA C 99 -14.65 14.10 -12.67
C ALA C 99 -15.42 13.29 -11.63
N ALA C 100 -15.07 13.46 -10.36
CA ALA C 100 -15.75 12.76 -9.30
C ALA C 100 -17.15 13.35 -9.15
N HIS C 101 -17.38 14.52 -9.73
CA HIS C 101 -18.68 15.18 -9.67
C HIS C 101 -19.52 14.95 -10.92
N GLY C 102 -19.04 14.08 -11.81
CA GLY C 102 -19.78 13.82 -13.02
C GLY C 102 -19.59 14.91 -14.06
N VAL C 103 -18.46 15.60 -13.98
CA VAL C 103 -18.15 16.65 -14.93
C VAL C 103 -17.18 16.06 -15.95
N PRO C 104 -17.57 16.04 -17.22
CA PRO C 104 -16.67 15.48 -18.24
C PRO C 104 -15.36 16.25 -18.35
N VAL C 105 -14.26 15.52 -18.38
CA VAL C 105 -12.93 16.11 -18.50
C VAL C 105 -12.06 15.24 -19.40
N ILE C 106 -10.97 15.82 -19.90
CA ILE C 106 -10.06 15.08 -20.74
C ILE C 106 -9.46 13.98 -19.89
N PRO C 107 -9.33 12.75 -20.42
CA PRO C 107 -8.75 11.67 -19.61
C PRO C 107 -7.43 12.16 -19.04
N THR C 108 -7.33 12.20 -17.72
CA THR C 108 -6.14 12.72 -17.07
C THR C 108 -5.46 11.76 -16.10
N THR C 109 -4.15 11.58 -16.28
CA THR C 109 -3.32 10.71 -15.45
C THR C 109 -2.26 11.55 -14.74
N VAL C 110 -2.29 11.53 -13.41
CA VAL C 110 -1.34 12.31 -12.61
C VAL C 110 -0.10 11.53 -12.14
N VAL C 111 1.07 12.06 -12.49
CA VAL C 111 2.35 11.47 -12.13
C VAL C 111 2.91 12.33 -11.01
N ALA C 112 3.12 11.72 -9.84
CA ALA C 112 3.63 12.45 -8.68
C ALA C 112 5.16 12.44 -8.56
N PRO C 113 5.73 13.47 -7.92
CA PRO C 113 7.19 13.45 -7.77
C PRO C 113 7.57 12.23 -6.94
N GLY C 114 8.57 11.49 -7.42
CA GLY C 114 8.99 10.30 -6.72
C GLY C 114 8.78 9.06 -7.56
N SER C 115 7.88 9.14 -8.54
CA SER C 115 7.63 8.01 -9.40
C SER C 115 8.63 7.96 -10.56
N ASP C 116 8.76 6.78 -11.16
CA ASP C 116 9.65 6.58 -12.30
C ASP C 116 9.01 7.26 -13.50
N ALA C 117 9.67 8.30 -14.03
CA ALA C 117 9.14 9.05 -15.17
C ALA C 117 8.82 8.19 -16.40
N LEU C 118 9.80 7.42 -16.86
CA LEU C 118 9.58 6.60 -18.05
C LEU C 118 8.50 5.54 -17.86
N ALA C 119 8.50 4.89 -16.71
CA ALA C 119 7.51 3.84 -16.43
C ALA C 119 6.09 4.43 -16.42
N ALA C 120 5.98 5.67 -15.94
CA ALA C 120 4.70 6.35 -15.89
C ALA C 120 4.19 6.59 -17.31
N VAL C 121 5.09 7.04 -18.17
CA VAL C 121 4.74 7.31 -19.57
C VAL C 121 4.26 6.05 -20.27
N ARG C 122 4.89 4.93 -19.96
CA ARG C 122 4.52 3.65 -20.56
C ARG C 122 3.21 3.11 -20.01
N ASP C 123 3.01 3.19 -18.70
CA ASP C 123 1.76 2.69 -18.13
C ASP C 123 0.61 3.46 -18.76
N PHE C 124 0.79 4.77 -18.91
CA PHE C 124 -0.22 5.65 -19.50
C PHE C 124 -0.51 5.25 -20.95
N LEU C 125 0.55 4.93 -21.70
CA LEU C 125 0.38 4.53 -23.09
C LEU C 125 -0.28 3.15 -23.22
N ALA C 126 -0.02 2.27 -22.27
CA ALA C 126 -0.60 0.94 -22.27
C ALA C 126 -2.11 1.03 -21.99
N ALA C 127 -2.48 1.95 -21.11
CA ALA C 127 -3.88 2.16 -20.73
C ALA C 127 -4.66 2.82 -21.85
N ARG C 128 -3.94 3.53 -22.73
CA ARG C 128 -4.58 4.24 -23.85
C ARG C 128 -3.89 3.94 -25.17
N PRO C 129 -3.98 2.69 -25.63
CA PRO C 129 -3.37 2.27 -26.90
C PRO C 129 -3.88 3.01 -28.13
N GLU C 130 -5.07 3.61 -28.02
CA GLU C 130 -5.66 4.33 -29.14
C GLU C 130 -5.10 5.74 -29.38
N ALA C 131 -4.72 6.42 -28.31
CA ALA C 131 -4.18 7.78 -28.40
C ALA C 131 -2.96 7.84 -29.32
N ARG C 132 -3.12 8.47 -30.48
CA ARG C 132 -2.03 8.61 -31.45
C ARG C 132 -0.94 9.54 -30.89
N GLU C 133 -1.37 10.53 -30.13
CA GLU C 133 -0.44 11.47 -29.52
C GLU C 133 -0.94 11.81 -28.13
N PHE C 134 -0.05 12.36 -27.31
CA PHE C 134 -0.43 12.72 -25.96
C PHE C 134 0.23 14.01 -25.53
N VAL C 135 -0.16 14.52 -24.37
CA VAL C 135 0.40 15.78 -23.88
C VAL C 135 0.99 15.65 -22.49
N VAL C 136 2.13 16.32 -22.29
CA VAL C 136 2.79 16.35 -21.00
C VAL C 136 2.71 17.79 -20.52
N LYS C 137 2.37 17.97 -19.25
CA LYS C 137 2.26 19.32 -18.70
C LYS C 137 2.29 19.25 -17.18
N PRO C 138 2.77 20.32 -16.52
CA PRO C 138 2.84 20.38 -15.06
C PRO C 138 1.43 20.69 -14.59
N THR C 139 1.09 20.31 -13.36
CA THR C 139 -0.24 20.60 -12.87
C THR C 139 -0.32 22.03 -12.40
N ASP C 140 0.85 22.59 -12.07
CA ASP C 140 0.95 23.96 -11.58
C ASP C 140 1.62 24.91 -12.56
N GLY C 141 0.90 25.25 -13.63
CA GLY C 141 1.42 26.16 -14.63
C GLY C 141 0.30 26.89 -15.34
N CYS C 142 0.68 27.77 -16.25
CA CYS C 142 -0.27 28.55 -17.04
C CYS C 142 0.46 29.09 -18.27
N TYR C 143 -0.30 29.69 -19.17
CA TYR C 143 0.24 30.28 -20.37
C TYR C 143 1.11 29.31 -21.18
N SER C 144 0.69 28.05 -21.27
CA SER C 144 1.41 27.02 -22.01
C SER C 144 2.76 26.61 -21.42
N LYS C 145 3.06 27.14 -20.24
CA LYS C 145 4.29 26.83 -19.52
C LYS C 145 4.62 25.33 -19.52
N ASP C 146 5.72 24.97 -20.17
CA ASP C 146 6.17 23.57 -20.23
C ASP C 146 5.18 22.54 -20.78
N VAL C 147 4.26 22.97 -21.64
CA VAL C 147 3.32 22.02 -22.21
C VAL C 147 3.88 21.59 -23.57
N GLN C 148 3.79 20.30 -23.87
CA GLN C 148 4.32 19.77 -25.13
C GLN C 148 3.56 18.53 -25.57
N ARG C 149 3.38 18.38 -26.88
CA ARG C 149 2.68 17.21 -27.41
C ARG C 149 3.71 16.25 -28.00
N TYR C 150 3.41 14.96 -27.92
CA TYR C 150 4.31 13.93 -28.44
C TYR C 150 3.53 12.84 -29.16
N GLN C 151 4.19 12.19 -30.10
CA GLN C 151 3.58 11.07 -30.79
C GLN C 151 3.92 9.90 -29.91
N ARG C 152 3.04 8.91 -29.88
CA ARG C 152 3.22 7.71 -29.06
C ARG C 152 4.63 7.14 -28.97
N SER C 153 5.37 7.20 -30.08
CA SER C 153 6.72 6.64 -30.15
C SER C 153 7.79 7.46 -29.44
N LEU C 154 7.46 8.69 -29.05
CA LEU C 154 8.46 9.52 -28.37
C LEU C 154 8.34 9.46 -26.85
N ALA C 155 7.98 8.30 -26.33
CA ALA C 155 7.84 8.12 -24.89
C ALA C 155 9.10 8.46 -24.10
N GLU C 156 10.27 8.12 -24.64
CA GLU C 156 11.52 8.40 -23.94
C GLU C 156 11.71 9.91 -23.80
N PRO C 157 11.70 10.64 -24.93
CA PRO C 157 11.88 12.10 -24.83
C PRO C 157 10.85 12.66 -23.87
N ALA C 158 9.60 12.26 -24.06
CA ALA C 158 8.52 12.73 -23.19
C ALA C 158 8.84 12.43 -21.73
N SER C 159 9.43 11.26 -21.49
CA SER C 159 9.75 10.87 -20.12
C SER C 159 10.83 11.77 -19.53
N ARG C 160 11.67 12.35 -20.39
CA ARG C 160 12.72 13.24 -19.91
C ARG C 160 12.10 14.58 -19.53
N HIS C 161 11.06 14.96 -20.28
CA HIS C 161 10.36 16.19 -20.04
C HIS C 161 9.65 16.01 -18.69
N VAL C 162 8.99 14.87 -18.53
CA VAL C 162 8.29 14.55 -17.29
C VAL C 162 9.26 14.58 -16.11
N ALA C 163 10.45 14.00 -16.29
CA ALA C 163 11.46 13.94 -15.24
C ALA C 163 11.96 15.33 -14.84
N ARG C 164 12.05 16.23 -15.80
CA ARG C 164 12.51 17.58 -15.54
C ARG C 164 11.50 18.31 -14.63
N LEU C 165 10.21 18.04 -14.84
CA LEU C 165 9.15 18.67 -14.05
C LEU C 165 9.06 18.07 -12.65
N LEU C 166 9.25 16.77 -12.55
CA LEU C 166 9.20 16.12 -11.26
C LEU C 166 10.34 16.60 -10.39
N ALA C 167 11.51 16.75 -11.00
CA ALA C 167 12.69 17.23 -10.30
C ALA C 167 12.43 18.57 -9.62
N ASN C 168 11.67 19.44 -10.28
CA ASN C 168 11.37 20.74 -9.70
C ASN C 168 10.37 20.55 -8.57
N GLY C 169 9.85 19.34 -8.44
CA GLY C 169 8.88 19.04 -7.41
C GLY C 169 7.43 19.27 -7.82
N SER C 170 7.16 19.23 -9.12
CA SER C 170 5.79 19.43 -9.63
C SER C 170 5.13 18.13 -10.02
N HIS C 171 3.80 18.07 -9.89
CA HIS C 171 3.06 16.89 -10.32
C HIS C 171 2.87 17.07 -11.81
N VAL C 172 2.95 15.99 -12.56
CA VAL C 172 2.81 16.06 -14.00
C VAL C 172 1.54 15.38 -14.50
N ILE C 173 0.89 16.00 -15.48
CA ILE C 173 -0.32 15.46 -16.06
C ILE C 173 -0.04 14.87 -17.44
N LEU C 174 -0.63 13.71 -17.71
CA LEU C 174 -0.49 13.03 -19.00
C LEU C 174 -1.89 12.89 -19.56
N GLN C 175 -2.12 13.39 -20.77
CA GLN C 175 -3.44 13.28 -21.38
C GLN C 175 -3.32 12.91 -22.84
N PRO C 176 -4.32 12.20 -23.38
CA PRO C 176 -4.22 11.84 -24.79
C PRO C 176 -4.45 13.16 -25.51
N TYR C 177 -3.83 13.36 -26.67
CA TYR C 177 -4.04 14.59 -27.41
C TYR C 177 -5.46 14.61 -28.00
N VAL C 178 -6.29 15.52 -27.53
CA VAL C 178 -7.66 15.63 -28.03
C VAL C 178 -7.59 16.16 -29.46
N GLU C 179 -7.75 15.24 -30.42
CA GLU C 179 -7.70 15.53 -31.85
C GLU C 179 -8.51 16.71 -32.36
N SER C 180 -9.70 16.93 -31.82
CA SER C 180 -10.54 18.02 -32.30
C SER C 180 -9.86 19.38 -32.20
N VAL C 181 -8.96 19.54 -31.23
CA VAL C 181 -8.29 20.82 -31.00
C VAL C 181 -7.48 21.33 -32.19
N ASP C 182 -6.99 20.43 -33.02
CA ASP C 182 -6.21 20.87 -34.18
C ASP C 182 -7.03 21.69 -35.16
N ARG C 183 -8.30 21.36 -35.32
CA ARG C 183 -9.16 22.08 -36.24
C ARG C 183 -10.23 22.96 -35.59
N HIS C 184 -10.60 22.66 -34.35
CA HIS C 184 -11.61 23.47 -33.69
C HIS C 184 -11.10 24.22 -32.46
N GLY C 185 -9.80 24.10 -32.18
CA GLY C 185 -9.24 24.77 -31.03
C GLY C 185 -9.97 24.44 -29.74
N GLU C 186 -10.35 25.45 -28.97
CA GLU C 186 -11.05 25.27 -27.71
C GLU C 186 -11.99 26.46 -27.47
N THR C 187 -12.89 26.33 -26.51
CA THR C 187 -13.81 27.41 -26.20
C THR C 187 -13.69 27.74 -24.72
N ASP C 188 -13.37 29.00 -24.42
CA ASP C 188 -13.21 29.45 -23.04
C ASP C 188 -14.40 30.29 -22.63
N LEU C 189 -15.12 29.86 -21.59
CA LEU C 189 -16.29 30.56 -21.11
C LEU C 189 -16.03 31.31 -19.81
N THR C 190 -16.49 32.55 -19.76
CA THR C 190 -16.32 33.36 -18.56
C THR C 190 -17.63 33.46 -17.79
N PHE C 191 -17.56 33.27 -16.48
CA PHE C 191 -18.74 33.36 -15.63
C PHE C 191 -18.54 34.35 -14.48
N PHE C 192 -19.64 34.95 -14.04
CA PHE C 192 -19.60 35.90 -12.94
C PHE C 192 -20.70 35.54 -11.95
N ASP C 193 -20.31 35.25 -10.72
CA ASP C 193 -21.24 34.87 -9.67
C ASP C 193 -22.14 33.72 -10.10
N GLY C 194 -21.58 32.79 -10.88
CA GLY C 194 -22.34 31.65 -11.33
C GLY C 194 -23.25 31.93 -12.52
N VAL C 195 -22.90 32.94 -13.31
CA VAL C 195 -23.70 33.30 -14.48
C VAL C 195 -22.83 33.44 -15.72
N TYR C 196 -23.26 32.80 -16.80
CA TYR C 196 -22.53 32.88 -18.06
C TYR C 196 -22.53 34.33 -18.53
N SER C 197 -21.37 34.81 -18.96
CA SER C 197 -21.25 36.19 -19.45
C SER C 197 -20.90 36.20 -20.92
N HIS C 198 -19.78 35.58 -21.26
CA HIS C 198 -19.32 35.52 -22.63
C HIS C 198 -18.27 34.43 -22.77
N ALA C 199 -17.83 34.23 -24.01
CA ALA C 199 -16.83 33.23 -24.31
C ALA C 199 -16.02 33.66 -25.52
N ILE C 200 -14.89 32.98 -25.74
CA ILE C 200 -14.04 33.27 -26.88
C ILE C 200 -13.57 31.96 -27.45
N HIS C 201 -12.98 32.02 -28.63
CA HIS C 201 -12.42 30.84 -29.25
C HIS C 201 -10.92 31.08 -29.22
N LYS C 202 -10.18 30.08 -28.76
CA LYS C 202 -8.72 30.18 -28.70
C LYS C 202 -8.15 29.12 -29.62
N GLY C 203 -7.19 29.51 -30.46
CA GLY C 203 -6.59 28.56 -31.38
C GLY C 203 -5.77 27.46 -30.72
N ALA C 204 -5.43 26.43 -31.49
CA ALA C 204 -4.63 25.34 -30.97
C ALA C 204 -3.27 25.91 -30.57
N LEU C 206 -0.53 23.76 -29.29
CA LEU C 206 0.48 22.75 -29.58
C LEU C 206 0.49 22.36 -31.06
N PRO C 208 1.77 20.49 -34.54
CA PRO C 208 2.31 19.18 -34.89
C PRO C 208 3.83 19.14 -35.06
N ASP C 209 4.41 20.24 -35.54
CA ASP C 209 5.86 20.30 -35.75
C ASP C 209 6.64 20.69 -34.49
N GLY C 210 6.05 20.44 -33.32
CA GLY C 210 6.71 20.76 -32.07
C GLY C 210 6.53 22.17 -31.53
N THR C 211 6.26 23.13 -32.40
CA THR C 211 6.07 24.49 -31.96
C THR C 211 4.97 24.59 -30.90
N VAL C 212 5.23 25.35 -29.85
CA VAL C 212 4.27 25.54 -28.79
C VAL C 212 3.98 27.02 -28.67
N HIS C 213 2.73 27.39 -28.92
CA HIS C 213 2.31 28.79 -28.87
C HIS C 213 1.86 29.27 -27.51
N VAL C 214 1.69 30.57 -27.43
CA VAL C 214 1.24 31.26 -26.24
C VAL C 214 -0.04 31.96 -26.70
N PRO C 215 -1.11 31.93 -25.88
CA PRO C 215 -2.38 32.56 -26.25
C PRO C 215 -2.43 34.08 -26.37
N THR C 216 -1.68 34.62 -27.32
CA THR C 216 -1.66 36.06 -27.51
C THR C 216 -3.02 36.50 -28.07
N LEU C 217 -3.23 37.80 -28.17
CA LEU C 217 -4.49 38.36 -28.65
C LEU C 217 -4.93 37.88 -30.03
N ASP C 218 -3.96 37.59 -30.90
CA ASP C 218 -4.27 37.14 -32.25
C ASP C 218 -4.82 35.73 -32.33
N PHE C 219 -4.70 34.97 -31.25
CA PHE C 219 -5.22 33.61 -31.21
C PHE C 219 -6.63 33.57 -30.63
N ARG C 220 -7.19 34.73 -30.31
CA ARG C 220 -8.52 34.75 -29.73
C ARG C 220 -9.57 35.43 -30.59
N GLN C 221 -10.82 35.03 -30.39
CA GLN C 221 -11.97 35.59 -31.12
C GLN C 221 -13.21 35.44 -30.28
N ALA C 222 -14.03 36.49 -30.23
CA ALA C 222 -15.27 36.43 -29.47
C ALA C 222 -16.09 35.26 -30.02
N ARG C 223 -16.86 34.63 -29.15
CA ARG C 223 -17.69 33.50 -29.55
C ARG C 223 -18.80 33.25 -28.54
N ASP C 224 -19.97 32.88 -29.04
CA ASP C 224 -21.09 32.58 -28.17
C ASP C 224 -21.17 31.09 -27.95
N ALA C 225 -20.92 30.66 -26.71
CA ALA C 225 -20.97 29.25 -26.37
C ALA C 225 -22.41 28.78 -26.48
N ASP C 226 -22.61 27.55 -26.95
CA ASP C 226 -23.98 27.03 -27.05
C ASP C 226 -24.38 26.52 -25.68
N GLU C 227 -25.64 26.12 -25.54
CA GLU C 227 -26.12 25.65 -24.24
C GLU C 227 -25.41 24.43 -23.68
N ASP C 228 -24.88 23.58 -24.55
CA ASP C 228 -24.17 22.40 -24.09
C ASP C 228 -22.87 22.77 -23.40
N GLN C 229 -22.09 23.63 -24.04
CA GLN C 229 -20.82 24.07 -23.47
C GLN C 229 -21.11 24.81 -22.17
N ARG C 230 -22.08 25.72 -22.23
CA ARG C 230 -22.48 26.50 -21.07
C ARG C 230 -22.88 25.58 -19.92
N ALA C 231 -23.53 24.48 -20.25
CA ALA C 231 -23.99 23.54 -19.23
C ALA C 231 -22.84 22.81 -18.55
N VAL C 232 -21.84 22.38 -19.34
CA VAL C 232 -20.69 21.68 -18.77
C VAL C 232 -19.92 22.67 -17.91
N ALA C 233 -19.71 23.88 -18.44
CA ALA C 233 -18.99 24.92 -17.71
C ALA C 233 -19.67 25.19 -16.37
N ALA C 234 -21.00 25.33 -16.39
CA ALA C 234 -21.76 25.59 -15.17
C ALA C 234 -21.65 24.42 -14.20
N ALA C 235 -21.63 23.20 -14.75
CA ALA C 235 -21.50 22.00 -13.92
C ALA C 235 -20.14 22.01 -13.25
N ALA C 236 -19.10 22.33 -14.02
CA ALA C 236 -17.76 22.39 -13.46
C ALA C 236 -17.69 23.38 -12.30
N LEU C 237 -18.27 24.57 -12.49
CA LEU C 237 -18.26 25.59 -11.44
C LEU C 237 -19.06 25.15 -10.22
N ALA C 238 -20.22 24.55 -10.44
CA ALA C 238 -21.05 24.08 -9.34
C ALA C 238 -20.29 23.02 -8.55
N ALA C 239 -19.51 22.20 -9.28
CA ALA C 239 -18.73 21.13 -8.67
C ALA C 239 -17.62 21.70 -7.79
N SER C 240 -17.08 22.85 -8.18
CA SER C 240 -16.02 23.48 -7.41
C SER C 240 -16.56 24.03 -6.11
N VAL C 241 -17.71 24.69 -6.19
CA VAL C 241 -18.35 25.27 -5.02
C VAL C 241 -18.68 24.21 -3.98
N ALA C 242 -19.12 23.05 -4.45
CA ALA C 242 -19.47 21.95 -3.55
C ALA C 242 -18.22 21.34 -2.92
N HIS C 243 -17.30 20.90 -3.77
CA HIS C 243 -16.04 20.30 -3.32
C HIS C 243 -15.33 21.16 -2.29
N LEU C 244 -15.35 22.47 -2.52
CA LEU C 244 -14.69 23.42 -1.63
C LEU C 244 -15.56 23.87 -0.47
N GLY C 245 -16.87 23.66 -0.58
CA GLY C 245 -17.78 24.06 0.47
C GLY C 245 -17.99 25.57 0.51
N LEU C 246 -17.95 26.21 -0.66
CA LEU C 246 -18.14 27.65 -0.74
C LEU C 246 -19.58 28.06 -0.43
N ASP C 247 -19.71 29.19 0.26
CA ASP C 247 -21.01 29.73 0.64
C ASP C 247 -21.57 30.65 -0.44
N LEU C 248 -20.67 31.13 -1.29
CA LEU C 248 -21.05 32.02 -2.37
C LEU C 248 -20.49 31.48 -3.68
N PRO C 249 -21.19 31.70 -4.80
CA PRO C 249 -20.65 31.18 -6.05
C PRO C 249 -19.33 31.90 -6.29
N LEU C 250 -18.59 31.51 -7.32
CA LEU C 250 -17.32 32.15 -7.61
C LEU C 250 -17.54 33.57 -8.15
N VAL C 251 -16.78 34.52 -7.62
CA VAL C 251 -16.89 35.91 -8.07
C VAL C 251 -16.70 35.94 -9.57
N CYS C 252 -15.74 35.16 -10.05
CA CYS C 252 -15.45 35.07 -11.47
C CYS C 252 -14.75 33.75 -11.74
N GLY C 253 -14.89 33.27 -12.97
CA GLY C 253 -14.26 32.02 -13.34
C GLY C 253 -14.27 31.78 -14.83
N ARG C 254 -13.32 30.98 -15.29
CA ARG C 254 -13.25 30.65 -16.70
C ARG C 254 -13.13 29.15 -16.83
N VAL C 255 -13.94 28.56 -17.71
CA VAL C 255 -13.89 27.13 -17.92
C VAL C 255 -13.60 26.92 -19.41
N ASP C 256 -12.57 26.13 -19.72
CA ASP C 256 -12.20 25.88 -21.11
C ASP C 256 -12.59 24.47 -21.54
N LEU C 257 -13.35 24.38 -22.62
CA LEU C 257 -13.81 23.10 -23.14
C LEU C 257 -13.24 22.76 -24.50
N VAL C 258 -13.10 21.47 -24.75
CA VAL C 258 -12.62 21.00 -26.04
C VAL C 258 -13.65 20.04 -26.55
N ARG C 259 -13.67 19.83 -27.86
CA ARG C 259 -14.64 18.93 -28.47
C ARG C 259 -14.23 17.46 -28.34
N GLY C 260 -15.05 16.67 -27.65
CA GLY C 260 -14.75 15.27 -27.48
C GLY C 260 -14.85 14.52 -28.80
N ALA C 261 -14.50 13.25 -28.79
CA ALA C 261 -14.57 12.43 -30.01
C ALA C 261 -15.99 12.28 -30.50
N ASP C 262 -16.95 12.32 -29.57
CA ASP C 262 -18.36 12.18 -29.91
C ASP C 262 -19.04 13.51 -30.17
N GLY C 263 -18.28 14.59 -30.01
CA GLY C 263 -18.85 15.91 -30.24
C GLY C 263 -19.15 16.72 -28.99
N SER C 264 -19.58 16.02 -27.93
CA SER C 264 -19.91 16.68 -26.68
C SER C 264 -18.67 17.35 -26.06
N PRO C 265 -18.88 18.37 -25.22
CA PRO C 265 -17.78 19.10 -24.58
C PRO C 265 -17.22 18.45 -23.31
N VAL C 267 -14.13 19.54 -20.08
CA VAL C 267 -13.22 20.51 -19.54
C VAL C 267 -11.77 20.17 -19.86
N LEU C 268 -11.04 21.18 -20.35
CA LEU C 268 -9.63 21.07 -20.69
C LEU C 268 -8.92 21.55 -19.43
N GLU C 269 -9.24 22.79 -19.05
CA GLU C 269 -8.67 23.40 -17.85
C GLU C 269 -9.68 24.41 -17.32
N GLU C 271 -9.77 27.96 -14.69
CA GLU C 271 -9.08 28.96 -13.86
C GLU C 271 -10.04 29.73 -12.97
N LEU C 272 -9.94 29.49 -11.67
CA LEU C 272 -10.80 30.16 -10.70
C LEU C 272 -10.09 31.18 -9.82
N CYS C 273 -8.76 31.12 -9.79
CA CYS C 273 -7.99 32.03 -8.95
C CYS C 273 -7.54 33.30 -9.68
N GLU C 274 -6.74 33.16 -10.72
CA GLU C 274 -6.22 34.30 -11.50
C GLU C 274 -6.39 34.11 -13.02
N PRO C 275 -7.65 34.02 -13.49
CA PRO C 275 -7.93 33.82 -14.91
C PRO C 275 -7.94 35.03 -15.81
N SER C 276 -7.70 34.78 -17.09
CA SER C 276 -7.80 35.83 -18.10
C SER C 276 -9.30 35.70 -18.27
N LEU C 277 -10.02 36.80 -18.28
CA LEU C 277 -11.47 36.74 -18.41
C LEU C 277 -11.95 37.14 -19.80
N ASN C 278 -11.04 37.63 -20.63
CA ASN C 278 -11.38 38.07 -21.98
C ASN C 278 -12.44 39.15 -21.97
N LEU C 279 -12.40 40.00 -20.96
CA LEU C 279 -13.35 41.11 -20.82
C LEU C 279 -13.39 41.95 -22.10
N THR C 280 -12.22 42.16 -22.69
CA THR C 280 -12.10 42.96 -23.90
C THR C 280 -12.90 42.39 -25.08
N PHE C 281 -13.36 41.15 -24.95
CA PHE C 281 -14.14 40.50 -26.01
C PHE C 281 -15.64 40.47 -25.74
N SER C 282 -16.05 40.95 -24.57
CA SER C 282 -17.46 40.93 -24.20
C SER C 282 -18.08 42.30 -24.36
N GLU C 283 -19.36 42.41 -24.01
CA GLU C 283 -20.06 43.67 -24.11
C GLU C 283 -20.12 44.40 -22.78
N ASP C 284 -20.42 43.66 -21.71
CA ASP C 284 -20.49 44.27 -20.39
C ASP C 284 -19.80 43.37 -19.37
N GLY C 285 -18.86 42.57 -19.86
CA GLY C 285 -18.13 41.66 -18.98
C GLY C 285 -17.41 42.34 -17.84
N ALA C 286 -16.69 43.42 -18.15
CA ALA C 286 -15.96 44.15 -17.12
C ALA C 286 -16.90 44.67 -16.04
N LEU C 287 -18.05 45.18 -16.47
CA LEU C 287 -19.05 45.73 -15.55
C LEU C 287 -19.62 44.65 -14.62
N ARG C 288 -19.95 43.50 -15.20
CA ARG C 288 -20.51 42.39 -14.42
C ARG C 288 -19.50 41.93 -13.39
N PHE C 289 -18.23 41.94 -13.77
CA PHE C 289 -17.16 41.53 -12.88
C PHE C 289 -17.09 42.51 -11.72
N ALA C 290 -17.06 43.80 -12.05
CA ALA C 290 -16.98 44.84 -11.03
C ALA C 290 -18.19 44.85 -10.09
N GLN C 291 -19.39 44.68 -10.64
CA GLN C 291 -20.59 44.66 -9.81
C GLN C 291 -20.54 43.48 -8.85
N ALA C 292 -20.05 42.34 -9.34
CA ALA C 292 -19.92 41.14 -8.52
C ALA C 292 -19.01 41.45 -7.34
N LEU C 293 -17.84 42.01 -7.65
CA LEU C 293 -16.88 42.36 -6.61
C LEU C 293 -17.51 43.34 -5.63
N ALA C 294 -18.28 44.29 -6.15
CA ALA C 294 -18.93 45.29 -5.30
C ALA C 294 -19.86 44.63 -4.28
N GLU C 295 -20.44 43.49 -4.65
CA GLU C 295 -21.33 42.78 -3.73
C GLU C 295 -20.49 42.18 -2.60
N ARG C 296 -19.28 41.76 -2.91
CA ARG C 296 -18.39 41.16 -1.91
C ARG C 296 -17.79 42.21 -0.97
N LEU C 297 -17.59 43.44 -1.48
CA LEU C 297 -17.01 44.51 -0.69
C LEU C 297 -18.01 45.14 0.27
N LYS C 298 -19.23 44.60 0.26
CA LYS C 298 -20.33 45.05 1.11
C LYS C 298 -21.68 44.77 0.46
N GLY D 2 26.17 40.66 12.94
CA GLY D 2 26.72 40.58 14.29
C GLY D 2 27.08 39.17 14.70
N ILE D 3 26.85 38.85 15.97
CA ILE D 3 27.14 37.53 16.51
C ILE D 3 25.95 36.59 16.37
N LEU D 4 26.21 35.41 15.79
CA LEU D 4 25.16 34.40 15.60
C LEU D 4 25.17 33.41 16.75
N ALA D 5 24.00 33.13 17.32
CA ALA D 5 23.93 32.18 18.42
C ALA D 5 23.49 30.80 17.91
N LEU D 6 24.30 29.80 18.26
CA LEU D 6 24.03 28.41 17.89
C LEU D 6 23.56 27.74 19.17
N VAL D 7 22.29 27.36 19.22
CA VAL D 7 21.73 26.74 20.41
C VAL D 7 21.89 25.22 20.49
N THR D 8 22.29 24.75 21.67
CA THR D 8 22.49 23.33 21.94
C THR D 8 22.25 23.17 23.42
N ASP D 9 22.57 22.00 23.96
CA ASP D 9 22.45 21.77 25.39
C ASP D 9 23.53 20.75 25.80
N ALA D 10 23.95 20.82 27.07
CA ALA D 10 25.00 19.97 27.60
C ALA D 10 24.93 18.51 27.18
N VAL D 11 23.75 17.92 27.33
CA VAL D 11 23.52 16.53 26.99
C VAL D 11 23.65 16.19 25.51
N SER D 12 23.23 17.11 24.63
CA SER D 12 23.26 16.87 23.20
C SER D 12 24.57 17.23 22.49
N LEU D 13 25.25 18.26 22.97
CA LEU D 13 26.49 18.71 22.35
C LEU D 13 27.43 17.57 21.99
N PRO D 14 27.57 16.57 22.88
CA PRO D 14 28.46 15.43 22.62
C PRO D 14 28.19 14.71 21.31
N ILE D 15 26.94 14.69 20.87
CA ILE D 15 26.59 14.00 19.62
C ILE D 15 26.28 14.93 18.46
N ASP D 16 26.66 16.21 18.59
CA ASP D 16 26.43 17.17 17.51
C ASP D 16 27.69 17.22 16.66
N TYR D 17 27.83 16.23 15.81
CA TYR D 17 28.98 16.08 14.93
C TYR D 17 29.06 17.22 13.92
N ASP D 18 28.01 18.04 13.89
CA ASP D 18 27.94 19.16 12.96
C ASP D 18 28.60 20.41 13.51
N PRO D 20 31.52 21.03 15.30
CA PRO D 20 32.92 21.31 14.96
C PRO D 20 33.13 21.93 13.56
N PRO D 21 32.74 21.22 12.49
CA PRO D 21 32.94 21.80 11.16
C PRO D 21 32.16 23.09 10.90
N LEU D 22 30.94 23.19 11.43
CA LEU D 22 30.13 24.39 11.26
C LEU D 22 30.81 25.62 11.83
N LEU D 23 31.60 25.42 12.89
CA LEU D 23 32.30 26.54 13.50
C LEU D 23 33.44 26.97 12.58
N GLU D 24 34.14 26.01 11.98
CA GLU D 24 35.21 26.34 11.06
C GLU D 24 34.65 27.08 9.84
N ALA D 25 33.47 26.66 9.38
CA ALA D 25 32.83 27.29 8.24
C ALA D 25 32.44 28.72 8.58
N CYS D 26 31.85 28.91 9.75
CA CYS D 26 31.45 30.24 10.18
C CYS D 26 32.68 31.15 10.20
N ARG D 27 33.81 30.58 10.62
CA ARG D 27 35.06 31.32 10.70
C ARG D 27 35.59 31.68 9.32
N THR D 28 35.40 30.79 8.35
CA THR D 28 35.87 31.01 7.00
C THR D 28 35.05 32.04 6.21
N VAL D 29 33.79 32.21 6.59
CA VAL D 29 32.94 33.16 5.87
C VAL D 29 32.80 34.50 6.60
N GLY D 30 33.35 34.57 7.81
CA GLY D 30 33.28 35.81 8.56
C GLY D 30 32.15 35.96 9.54
N ILE D 31 31.59 34.85 10.00
CA ILE D 31 30.49 34.91 10.97
C ILE D 31 31.05 34.72 12.38
N THR D 32 30.58 35.54 13.32
CA THR D 32 31.01 35.42 14.71
C THR D 32 29.91 34.63 15.41
N ALA D 33 30.19 33.37 15.71
CA ALA D 33 29.20 32.51 16.36
C ALA D 33 29.48 32.18 17.82
N GLU D 34 28.40 31.99 18.59
CA GLU D 34 28.51 31.63 19.99
C GLU D 34 27.63 30.44 20.31
N VAL D 35 28.25 29.38 20.84
CA VAL D 35 27.54 28.17 21.22
C VAL D 35 26.91 28.41 22.59
N CYS D 36 25.59 28.38 22.65
CA CYS D 36 24.88 28.61 23.90
C CYS D 36 24.00 27.44 24.28
N ASP D 37 23.78 27.26 25.58
CA ASP D 37 22.93 26.20 26.08
C ASP D 37 21.60 26.87 26.37
N TRP D 38 20.52 26.32 25.81
CA TRP D 38 19.21 26.92 26.02
C TRP D 38 18.72 26.89 27.46
N GLU D 39 19.32 26.02 28.28
CA GLU D 39 18.91 25.93 29.68
C GLU D 39 19.83 26.76 30.57
N ASP D 40 20.65 27.61 29.95
CA ASP D 40 21.56 28.46 30.70
C ASP D 40 20.98 29.86 30.84
N GLY D 41 20.29 30.10 31.94
CA GLY D 41 19.69 31.40 32.17
C GLY D 41 20.69 32.53 32.33
N THR D 42 21.96 32.20 32.14
CA THR D 42 23.04 33.18 32.27
C THR D 42 23.21 34.03 31.02
N VAL D 43 22.93 33.44 29.87
CA VAL D 43 23.10 34.14 28.61
C VAL D 43 22.04 35.20 28.34
N ASP D 44 22.49 36.32 27.78
CA ASP D 44 21.61 37.42 27.45
C ASP D 44 21.33 37.36 25.96
N TRP D 45 20.29 36.63 25.60
CA TRP D 45 19.92 36.45 24.20
C TRP D 45 19.71 37.74 23.43
N SER D 46 19.52 38.84 24.16
CA SER D 46 19.30 40.14 23.52
C SER D 46 20.51 40.60 22.73
N ARG D 47 21.69 40.09 23.09
CA ARG D 47 22.90 40.50 22.40
C ARG D 47 23.23 39.78 21.10
N PHE D 48 22.30 38.98 20.60
CA PHE D 48 22.55 38.26 19.35
C PHE D 48 21.79 38.85 18.16
N GLU D 49 22.45 38.86 17.00
CA GLU D 49 21.82 39.34 15.79
C GLU D 49 20.67 38.41 15.44
N ALA D 50 20.94 37.10 15.51
CA ALA D 50 19.94 36.08 15.21
C ALA D 50 20.27 34.79 15.95
N VAL D 51 19.26 33.98 16.22
CA VAL D 51 19.44 32.71 16.91
C VAL D 51 19.17 31.52 15.98
N VAL D 52 20.00 30.50 16.09
CA VAL D 52 19.86 29.29 15.29
C VAL D 52 19.82 28.09 16.23
N PHE D 53 18.85 27.21 16.03
CA PHE D 53 18.75 26.02 16.86
C PHE D 53 19.52 24.92 16.14
N ARG D 54 20.57 24.43 16.79
CA ARG D 54 21.37 23.38 16.20
C ARG D 54 21.17 22.05 16.91
N SER D 55 21.46 21.99 18.21
CA SER D 55 21.29 20.75 18.93
C SER D 55 20.67 20.79 20.31
N PRO D 56 19.51 21.44 20.45
CA PRO D 56 18.82 21.54 21.74
C PRO D 56 17.98 20.28 21.85
N TRP D 57 18.60 19.13 21.55
CA TRP D 57 17.91 17.86 21.52
C TRP D 57 17.33 17.28 22.81
N THR D 58 17.41 18.01 23.91
CA THR D 58 16.81 17.51 25.14
C THR D 58 15.39 18.05 25.15
N TRP D 59 14.99 18.70 24.05
CA TRP D 59 13.65 19.25 23.94
C TRP D 59 12.68 18.08 23.84
N ALA D 60 13.17 16.96 23.32
CA ALA D 60 12.35 15.77 23.17
C ALA D 60 11.86 15.27 24.52
N GLU D 61 12.54 15.69 25.60
CA GLU D 61 12.17 15.27 26.94
C GLU D 61 11.38 16.32 27.70
N ARG D 62 11.44 17.56 27.24
CA ARG D 62 10.74 18.67 27.89
C ARG D 62 10.24 19.65 26.83
N GLN D 63 9.35 19.15 25.98
CA GLN D 63 8.79 19.91 24.87
C GLN D 63 8.23 21.28 25.26
N ALA D 64 7.20 21.30 26.09
CA ALA D 64 6.58 22.55 26.51
C ALA D 64 7.63 23.57 26.93
N GLU D 65 8.55 23.15 27.81
CA GLU D 65 9.60 24.02 28.29
C GLU D 65 10.44 24.61 27.16
N PHE D 66 10.82 23.78 26.19
CA PHE D 66 11.64 24.27 25.10
C PHE D 66 10.90 25.29 24.24
N LEU D 67 9.63 25.03 23.93
CA LEU D 67 8.85 25.96 23.14
C LEU D 67 8.80 27.31 23.86
N ALA D 68 8.39 27.30 25.12
CA ALA D 68 8.32 28.52 25.92
C ALA D 68 9.64 29.29 25.78
N PHE D 69 10.74 28.56 25.82
CA PHE D 69 12.07 29.15 25.68
C PHE D 69 12.18 29.90 24.35
N CYS D 70 11.92 29.20 23.25
CA CYS D 70 12.00 29.80 21.92
C CYS D 70 11.10 31.02 21.85
N GLU D 71 9.89 30.88 22.40
CA GLU D 71 8.90 31.94 22.42
C GLU D 71 9.49 33.21 23.02
N ARG D 72 10.23 33.06 24.12
CA ARG D 72 10.85 34.19 24.81
C ARG D 72 12.05 34.77 24.05
N VAL D 73 12.85 33.91 23.43
CA VAL D 73 14.02 34.40 22.70
C VAL D 73 13.60 35.24 21.50
N SER D 74 12.46 34.88 20.90
CA SER D 74 11.96 35.62 19.75
C SER D 74 11.53 37.02 20.18
N HIS D 75 11.11 37.16 21.43
CA HIS D 75 10.69 38.45 21.96
C HIS D 75 11.84 39.44 22.11
N VAL D 76 13.08 38.97 21.96
CA VAL D 76 14.20 39.89 22.11
C VAL D 76 15.29 39.76 21.06
N THR D 77 15.09 38.89 20.08
CA THR D 77 16.07 38.71 19.02
C THR D 77 15.44 37.93 17.86
N ARG D 78 16.13 37.91 16.74
CA ARG D 78 15.63 37.24 15.56
C ARG D 78 15.95 35.75 15.51
N LEU D 79 14.98 34.94 15.13
CA LEU D 79 15.14 33.50 15.01
C LEU D 79 15.25 33.18 13.53
N ILE D 80 16.29 32.49 13.12
CA ILE D 80 16.44 32.13 11.72
C ILE D 80 15.22 31.30 11.32
N THR D 81 14.72 30.51 12.27
CA THR D 81 13.52 29.69 12.06
C THR D 81 12.47 30.29 12.99
N PRO D 82 11.49 31.02 12.44
CA PRO D 82 10.44 31.66 13.24
C PRO D 82 9.56 30.68 14.01
N PRO D 84 6.36 30.00 14.09
CA PRO D 84 5.42 29.11 13.38
C PRO D 84 6.15 27.88 12.85
N LEU D 85 7.36 28.09 12.34
CA LEU D 85 8.17 27.01 11.81
C LEU D 85 8.55 26.04 12.94
N VAL D 86 9.03 26.59 14.05
CA VAL D 86 9.43 25.78 15.20
C VAL D 86 8.30 24.90 15.68
N ARG D 87 7.14 25.50 15.94
CA ARG D 87 5.99 24.75 16.43
C ARG D 87 5.61 23.65 15.46
N TRP D 88 5.55 24.00 14.17
CA TRP D 88 5.18 23.05 13.13
C TRP D 88 6.26 21.99 12.92
N ALA D 89 7.51 22.42 12.87
CA ALA D 89 8.65 21.54 12.63
C ALA D 89 8.96 20.52 13.72
N LEU D 90 8.61 20.82 14.96
CA LEU D 90 8.91 19.91 16.07
C LEU D 90 7.76 18.98 16.42
N ASP D 91 6.86 18.76 15.46
CA ASP D 91 5.72 17.88 15.67
C ASP D 91 5.41 17.16 14.38
N LYS D 92 5.66 15.85 14.37
CA LYS D 92 5.45 15.02 13.19
C LYS D 92 4.04 15.05 12.59
N ARG D 93 3.18 15.92 13.12
CA ARG D 93 1.83 16.08 12.58
C ARG D 93 2.01 16.76 11.22
N TYR D 94 3.22 17.27 10.99
CA TYR D 94 3.52 17.96 9.74
C TYR D 94 3.42 17.00 8.55
N LEU D 95 3.50 15.71 8.83
CA LEU D 95 3.41 14.69 7.77
C LEU D 95 2.02 14.70 7.14
N ALA D 96 1.01 15.01 7.94
CA ALA D 96 -0.37 15.05 7.46
C ALA D 96 -0.51 16.23 6.52
N ASP D 97 0.27 17.28 6.79
CA ASP D 97 0.25 18.49 5.98
C ASP D 97 0.99 18.29 4.67
N LEU D 98 2.13 17.60 4.72
CA LEU D 98 2.90 17.34 3.51
C LEU D 98 2.04 16.47 2.60
N ALA D 99 1.39 15.47 3.21
CA ALA D 99 0.51 14.57 2.49
C ALA D 99 -0.60 15.34 1.79
N ALA D 100 -1.03 16.45 2.40
CA ALA D 100 -2.10 17.27 1.84
C ALA D 100 -1.65 18.03 0.59
N HIS D 101 -0.35 18.20 0.43
CA HIS D 101 0.18 18.90 -0.74
C HIS D 101 0.57 17.92 -1.83
N GLY D 102 0.22 16.66 -1.62
CA GLY D 102 0.52 15.65 -2.61
C GLY D 102 1.92 15.07 -2.49
N VAL D 103 2.60 15.38 -1.39
CA VAL D 103 3.94 14.86 -1.16
C VAL D 103 3.79 13.42 -0.68
N PRO D 104 4.48 12.47 -1.33
CA PRO D 104 4.37 11.07 -0.91
C PRO D 104 4.96 10.82 0.49
N VAL D 105 4.14 10.36 1.42
CA VAL D 105 4.59 10.09 2.78
C VAL D 105 4.10 8.74 3.28
N ILE D 106 4.78 8.20 4.28
CA ILE D 106 4.36 6.92 4.87
C ILE D 106 2.96 7.10 5.46
N PRO D 107 2.06 6.13 5.21
CA PRO D 107 0.71 6.27 5.76
C PRO D 107 0.88 6.51 7.24
N THR D 108 0.34 7.63 7.72
CA THR D 108 0.47 7.99 9.11
C THR D 108 -0.87 8.26 9.80
N THR D 109 -1.05 7.62 10.95
CA THR D 109 -2.27 7.81 11.72
C THR D 109 -1.94 8.47 13.06
N VAL D 110 -2.54 9.63 13.28
CA VAL D 110 -2.30 10.40 14.49
C VAL D 110 -3.37 10.12 15.55
N VAL D 111 -2.91 9.75 16.74
CA VAL D 111 -3.80 9.46 17.87
C VAL D 111 -3.64 10.63 18.83
N ALA D 112 -4.75 11.23 19.23
CA ALA D 112 -4.71 12.38 20.13
C ALA D 112 -4.91 12.01 21.60
N PRO D 113 -4.35 12.82 22.51
CA PRO D 113 -4.48 12.58 23.95
C PRO D 113 -5.95 12.51 24.35
N GLY D 114 -6.31 11.50 25.14
CA GLY D 114 -7.69 11.34 25.56
C GLY D 114 -8.38 10.19 24.85
N SER D 115 -7.72 9.64 23.84
CA SER D 115 -8.28 8.54 23.08
C SER D 115 -8.03 7.19 23.75
N ASP D 116 -8.82 6.20 23.37
CA ASP D 116 -8.68 4.85 23.89
C ASP D 116 -7.50 4.26 23.13
N ALA D 117 -6.36 4.13 23.82
CA ALA D 117 -5.15 3.62 23.21
C ALA D 117 -5.33 2.24 22.58
N LEU D 118 -5.91 1.30 23.33
CA LEU D 118 -6.08 -0.03 22.80
C LEU D 118 -7.01 -0.01 21.61
N ALA D 119 -8.11 0.73 21.73
CA ALA D 119 -9.08 0.83 20.64
C ALA D 119 -8.41 1.39 19.38
N ALA D 120 -7.65 2.46 19.54
CA ALA D 120 -6.97 3.08 18.41
C ALA D 120 -6.02 2.09 17.73
N VAL D 121 -5.30 1.29 18.50
CA VAL D 121 -4.37 0.32 17.92
C VAL D 121 -5.11 -0.80 17.20
N ARG D 122 -6.23 -1.24 17.76
CA ARG D 122 -7.01 -2.31 17.13
C ARG D 122 -7.72 -1.81 15.88
N ASP D 123 -8.25 -0.58 15.93
CA ASP D 123 -8.93 -0.03 14.77
C ASP D 123 -7.91 0.13 13.64
N PHE D 124 -6.69 0.51 14.01
CA PHE D 124 -5.61 0.71 13.05
C PHE D 124 -5.21 -0.62 12.37
N LEU D 125 -5.00 -1.66 13.16
CA LEU D 125 -4.62 -2.95 12.62
C LEU D 125 -5.77 -3.60 11.81
N ALA D 126 -7.00 -3.20 12.13
CA ALA D 126 -8.15 -3.73 11.43
C ALA D 126 -8.29 -3.07 10.07
N ALA D 127 -7.84 -1.83 9.96
CA ALA D 127 -7.94 -1.11 8.69
C ALA D 127 -6.70 -1.35 7.82
N ARG D 128 -5.68 -1.96 8.40
CA ARG D 128 -4.45 -2.27 7.69
C ARG D 128 -4.08 -3.72 7.95
N PRO D 129 -4.93 -4.67 7.52
CA PRO D 129 -4.70 -6.09 7.72
C PRO D 129 -3.47 -6.64 6.99
N GLU D 130 -3.00 -5.92 5.98
CA GLU D 130 -1.84 -6.41 5.25
C GLU D 130 -0.52 -6.01 5.89
N ALA D 131 -0.58 -5.12 6.88
CA ALA D 131 0.61 -4.68 7.59
C ALA D 131 1.08 -5.76 8.57
N ARG D 132 2.17 -6.44 8.24
CA ARG D 132 2.72 -7.49 9.09
C ARG D 132 3.14 -6.88 10.42
N GLU D 133 3.83 -5.75 10.34
CA GLU D 133 4.30 -5.05 11.52
C GLU D 133 3.96 -3.57 11.43
N PHE D 134 3.96 -2.90 12.57
CA PHE D 134 3.66 -1.48 12.57
C PHE D 134 4.59 -0.75 13.52
N VAL D 135 4.57 0.57 13.45
CA VAL D 135 5.42 1.38 14.28
C VAL D 135 4.66 2.38 15.12
N VAL D 136 5.10 2.52 16.37
CA VAL D 136 4.51 3.47 17.30
C VAL D 136 5.57 4.52 17.63
N LYS D 137 5.19 5.79 17.60
CA LYS D 137 6.14 6.86 17.92
C LYS D 137 5.38 8.13 18.30
N PRO D 138 6.00 8.97 19.14
CA PRO D 138 5.36 10.21 19.54
C PRO D 138 5.52 11.21 18.38
N THR D 139 4.68 12.23 18.31
CA THR D 139 4.81 13.20 17.22
C THR D 139 5.89 14.21 17.56
N ASP D 140 6.21 14.33 18.84
CA ASP D 140 7.23 15.26 19.30
C ASP D 140 8.43 14.56 19.92
N GLY D 141 9.20 13.89 19.08
CA GLY D 141 10.39 13.21 19.56
C GLY D 141 11.53 13.37 18.58
N CYS D 142 12.63 12.70 18.86
CA CYS D 142 13.81 12.71 18.01
C CYS D 142 14.79 11.67 18.55
N TYR D 143 15.74 11.27 17.73
CA TYR D 143 16.75 10.30 18.15
C TYR D 143 16.15 8.98 18.66
N SER D 144 15.17 8.46 17.92
CA SER D 144 14.50 7.21 18.25
C SER D 144 13.79 7.16 19.60
N LYS D 145 13.66 8.32 20.25
CA LYS D 145 12.99 8.37 21.54
C LYS D 145 11.55 7.87 21.47
N ASP D 146 11.28 6.77 22.17
CA ASP D 146 9.96 6.17 22.24
C ASP D 146 9.39 5.63 20.94
N VAL D 147 10.27 5.22 20.03
CA VAL D 147 9.84 4.63 18.76
C VAL D 147 9.97 3.13 18.95
N GLN D 148 8.97 2.39 18.49
CA GLN D 148 8.99 0.95 18.62
C GLN D 148 8.31 0.22 17.47
N ARG D 149 8.88 -0.92 17.10
CA ARG D 149 8.36 -1.78 16.05
C ARG D 149 7.58 -2.92 16.72
N TYR D 150 6.44 -3.28 16.15
CA TYR D 150 5.61 -4.36 16.70
C TYR D 150 5.02 -5.27 15.63
N GLN D 151 4.76 -6.52 16.00
CA GLN D 151 4.14 -7.47 15.08
C GLN D 151 2.67 -7.16 15.34
N ARG D 152 1.80 -7.44 14.37
CA ARG D 152 0.39 -7.13 14.56
C ARG D 152 -0.34 -7.89 15.66
N SER D 153 0.32 -8.88 16.27
CA SER D 153 -0.30 -9.64 17.35
C SER D 153 -0.01 -9.00 18.71
N LEU D 154 0.79 -7.94 18.72
CA LEU D 154 1.13 -7.29 19.97
C LEU D 154 0.32 -6.04 20.25
N ALA D 155 -0.92 -6.01 19.78
CA ALA D 155 -1.78 -4.86 19.99
C ALA D 155 -1.81 -4.44 21.47
N GLU D 156 -1.80 -5.42 22.37
CA GLU D 156 -1.85 -5.17 23.81
C GLU D 156 -0.61 -4.39 24.26
N PRO D 157 0.59 -4.95 24.03
CA PRO D 157 1.85 -4.28 24.42
C PRO D 157 1.96 -2.88 23.82
N ALA D 158 1.64 -2.78 22.53
CA ALA D 158 1.71 -1.50 21.83
C ALA D 158 0.75 -0.47 22.39
N SER D 159 -0.43 -0.91 22.82
CA SER D 159 -1.42 0.02 23.36
C SER D 159 -0.90 0.64 24.65
N ARG D 160 -0.12 -0.12 25.41
CA ARG D 160 0.44 0.39 26.67
C ARG D 160 1.47 1.48 26.38
N HIS D 161 2.20 1.30 25.28
CA HIS D 161 3.22 2.24 24.85
C HIS D 161 2.50 3.51 24.39
N VAL D 162 1.44 3.34 23.61
CA VAL D 162 0.67 4.47 23.12
C VAL D 162 0.03 5.24 24.27
N ALA D 163 -0.62 4.53 25.17
CA ALA D 163 -1.29 5.14 26.32
C ALA D 163 -0.30 5.97 27.13
N ARG D 164 0.93 5.46 27.24
CA ARG D 164 1.98 6.14 27.98
C ARG D 164 2.32 7.49 27.36
N LEU D 165 2.41 7.53 26.04
CA LEU D 165 2.75 8.78 25.34
C LEU D 165 1.60 9.78 25.39
N LEU D 166 0.37 9.28 25.25
CA LEU D 166 -0.80 10.17 25.30
C LEU D 166 -0.93 10.76 26.69
N ALA D 167 -0.61 9.98 27.71
CA ALA D 167 -0.71 10.44 29.10
C ALA D 167 0.31 11.56 29.35
N ASN D 168 1.47 11.46 28.69
CA ASN D 168 2.50 12.47 28.85
C ASN D 168 2.16 13.69 27.99
N GLY D 169 0.98 13.64 27.35
CA GLY D 169 0.53 14.76 26.54
C GLY D 169 1.03 14.83 25.10
N SER D 170 1.59 13.73 24.61
CA SER D 170 2.09 13.71 23.25
C SER D 170 1.09 13.04 22.32
N HIS D 171 0.97 13.56 21.10
CA HIS D 171 0.10 12.92 20.12
C HIS D 171 0.94 11.73 19.67
N VAL D 172 0.29 10.62 19.34
CA VAL D 172 1.05 9.46 18.92
C VAL D 172 0.81 9.17 17.45
N ILE D 173 1.84 8.62 16.80
CA ILE D 173 1.73 8.28 15.39
C ILE D 173 1.83 6.76 15.23
N LEU D 174 0.95 6.22 14.39
CA LEU D 174 0.95 4.80 14.08
C LEU D 174 1.20 4.71 12.57
N GLN D 175 2.10 3.82 12.18
CA GLN D 175 2.44 3.62 10.77
C GLN D 175 2.74 2.15 10.53
N PRO D 176 2.57 1.70 9.29
CA PRO D 176 2.87 0.31 9.00
C PRO D 176 4.39 0.28 8.85
N TYR D 177 5.04 -0.82 9.24
CA TYR D 177 6.49 -0.92 9.10
C TYR D 177 6.82 -0.99 7.61
N VAL D 178 7.68 -0.09 7.14
CA VAL D 178 8.08 -0.05 5.73
C VAL D 178 9.15 -1.10 5.48
N GLU D 179 8.71 -2.28 5.06
CA GLU D 179 9.60 -3.43 4.80
C GLU D 179 10.99 -3.14 4.24
N SER D 180 11.06 -2.35 3.17
CA SER D 180 12.36 -2.06 2.54
C SER D 180 13.40 -1.49 3.49
N VAL D 181 12.96 -0.90 4.59
CA VAL D 181 13.91 -0.35 5.55
C VAL D 181 14.86 -1.44 6.05
N ASP D 182 14.32 -2.65 6.25
CA ASP D 182 15.12 -3.76 6.73
C ASP D 182 16.29 -4.13 5.83
N ARG D 183 16.18 -3.87 4.54
CA ARG D 183 17.25 -4.21 3.62
C ARG D 183 17.99 -3.05 2.96
N HIS D 184 17.38 -1.87 2.94
CA HIS D 184 18.01 -0.70 2.32
C HIS D 184 18.05 0.52 3.24
N GLY D 185 17.54 0.37 4.44
CA GLY D 185 17.54 1.47 5.38
C GLY D 185 16.78 2.68 4.87
N GLU D 186 17.36 3.86 5.08
CA GLU D 186 16.73 5.09 4.65
C GLU D 186 17.78 6.03 4.06
N THR D 187 17.33 7.07 3.36
CA THR D 187 18.24 8.03 2.78
C THR D 187 17.87 9.41 3.30
N ASP D 188 18.86 10.12 3.85
CA ASP D 188 18.61 11.45 4.37
C ASP D 188 19.29 12.49 3.48
N LEU D 189 18.49 13.37 2.88
CA LEU D 189 19.01 14.40 2.01
C LEU D 189 19.08 15.73 2.74
N THR D 190 20.21 16.41 2.61
CA THR D 190 20.41 17.70 3.25
C THR D 190 20.27 18.82 2.23
N PHE D 191 19.50 19.84 2.57
CA PHE D 191 19.31 20.97 1.68
C PHE D 191 19.71 22.27 2.35
N PHE D 192 20.22 23.21 1.56
CA PHE D 192 20.61 24.53 2.06
C PHE D 192 19.96 25.57 1.13
N ASP D 193 19.20 26.48 1.71
CA ASP D 193 18.50 27.50 0.93
C ASP D 193 17.72 26.92 -0.25
N GLY D 194 17.24 25.69 -0.11
CA GLY D 194 16.47 25.07 -1.17
C GLY D 194 17.26 24.25 -2.16
N VAL D 195 18.57 24.17 -1.96
CA VAL D 195 19.41 23.41 -2.86
C VAL D 195 19.99 22.15 -2.21
N TYR D 196 19.96 21.05 -2.96
CA TYR D 196 20.50 19.79 -2.48
C TYR D 196 22.01 19.90 -2.30
N SER D 197 22.51 19.42 -1.17
CA SER D 197 23.93 19.45 -0.90
C SER D 197 24.54 18.05 -0.93
N HIS D 198 24.02 17.18 -0.08
CA HIS D 198 24.52 15.81 0.02
C HIS D 198 23.46 14.92 0.69
N ALA D 199 23.83 13.66 0.90
CA ALA D 199 22.93 12.74 1.55
C ALA D 199 23.72 11.60 2.19
N ILE D 200 23.01 10.79 2.96
CA ILE D 200 23.62 9.63 3.60
C ILE D 200 22.61 8.51 3.61
N HIS D 201 23.12 7.32 3.85
CA HIS D 201 22.30 6.14 3.98
C HIS D 201 22.35 5.94 5.48
N LYS D 202 21.23 5.53 6.06
CA LYS D 202 21.18 5.30 7.50
C LYS D 202 20.52 3.95 7.68
N GLY D 203 21.21 3.04 8.37
CA GLY D 203 20.66 1.72 8.56
C GLY D 203 19.38 1.72 9.38
N ALA D 204 18.68 0.59 9.37
CA ALA D 204 17.43 0.46 10.11
C ALA D 204 17.69 0.64 11.60
N LEU D 206 14.95 0.09 14.02
CA LEU D 206 14.07 -0.85 14.71
C LEU D 206 14.31 -2.29 14.29
N PRO D 208 14.02 -6.40 14.22
CA PRO D 208 12.91 -7.36 14.27
C PRO D 208 12.64 -7.89 15.69
N ASP D 209 13.68 -7.98 16.50
CA ASP D 209 13.53 -8.48 17.87
C ASP D 209 13.08 -7.41 18.87
N GLY D 210 12.81 -6.21 18.38
CA GLY D 210 12.39 -5.15 19.26
C GLY D 210 13.51 -4.26 19.77
N THR D 211 14.74 -4.56 19.36
CA THR D 211 15.88 -3.75 19.78
C THR D 211 15.78 -2.41 19.04
N VAL D 212 15.89 -1.32 19.78
CA VAL D 212 15.82 -0.01 19.16
C VAL D 212 17.16 0.68 19.22
N HIS D 213 17.75 0.92 18.06
CA HIS D 213 19.05 1.58 17.99
C HIS D 213 18.94 3.07 17.87
N VAL D 214 20.04 3.74 18.16
CA VAL D 214 20.13 5.19 18.09
C VAL D 214 21.08 5.50 16.93
N PRO D 215 20.74 6.51 16.11
CA PRO D 215 21.52 6.94 14.93
C PRO D 215 22.97 7.41 15.10
N THR D 216 23.81 6.60 15.71
CA THR D 216 25.20 6.99 15.88
C THR D 216 25.89 6.94 14.52
N LEU D 217 27.10 7.49 14.44
CA LEU D 217 27.87 7.54 13.19
C LEU D 217 28.10 6.21 12.49
N ASP D 218 28.20 5.13 13.26
CA ASP D 218 28.44 3.83 12.65
C ASP D 218 27.25 3.39 11.80
N PHE D 219 26.07 3.98 12.05
CA PHE D 219 24.89 3.63 11.27
C PHE D 219 24.72 4.58 10.07
N ARG D 220 25.69 5.46 9.86
CA ARG D 220 25.60 6.42 8.77
C ARG D 220 26.70 6.24 7.72
N GLN D 221 26.40 6.65 6.50
CA GLN D 221 27.33 6.51 5.39
C GLN D 221 26.98 7.42 4.21
N ALA D 222 27.98 8.07 3.62
CA ALA D 222 27.76 8.97 2.49
C ALA D 222 27.11 8.28 1.29
N ARG D 223 26.20 8.99 0.65
CA ARG D 223 25.50 8.47 -0.52
C ARG D 223 24.98 9.60 -1.38
N ASP D 224 24.93 9.38 -2.68
CA ASP D 224 24.41 10.38 -3.59
C ASP D 224 22.95 10.04 -3.83
N ALA D 225 22.06 10.96 -3.44
CA ALA D 225 20.62 10.76 -3.59
C ALA D 225 20.29 10.43 -5.03
N ASP D 226 19.27 9.61 -5.23
CA ASP D 226 18.82 9.24 -6.56
C ASP D 226 17.90 10.34 -7.04
N GLU D 227 17.71 10.43 -8.35
CA GLU D 227 16.85 11.45 -8.92
C GLU D 227 15.46 11.45 -8.28
N ASP D 228 14.87 10.26 -8.10
CA ASP D 228 13.53 10.18 -7.49
C ASP D 228 13.50 10.72 -6.06
N GLN D 229 14.53 10.43 -5.28
CA GLN D 229 14.60 10.90 -3.92
C GLN D 229 14.72 12.42 -3.93
N ARG D 230 15.43 12.93 -4.93
CA ARG D 230 15.62 14.38 -5.09
C ARG D 230 14.28 15.06 -5.34
N ALA D 231 13.44 14.41 -6.13
CA ALA D 231 12.13 14.94 -6.48
C ALA D 231 11.19 15.02 -5.29
N VAL D 232 11.15 13.96 -4.51
CA VAL D 232 10.28 13.93 -3.34
C VAL D 232 10.74 15.01 -2.36
N ALA D 233 12.06 15.12 -2.20
CA ALA D 233 12.66 16.11 -1.30
C ALA D 233 12.29 17.53 -1.73
N ALA D 234 12.46 17.81 -3.02
CA ALA D 234 12.13 19.13 -3.57
C ALA D 234 10.67 19.44 -3.26
N ALA D 235 9.81 18.45 -3.45
CA ALA D 235 8.39 18.60 -3.20
C ALA D 235 8.13 18.90 -1.72
N ALA D 236 8.77 18.11 -0.85
CA ALA D 236 8.62 18.27 0.60
C ALA D 236 8.98 19.66 1.12
N LEU D 237 10.12 20.18 0.71
CA LEU D 237 10.51 21.52 1.16
C LEU D 237 9.62 22.62 0.57
N ALA D 238 9.24 22.47 -0.70
CA ALA D 238 8.37 23.46 -1.35
C ALA D 238 7.04 23.55 -0.60
N ALA D 239 6.47 22.40 -0.29
CA ALA D 239 5.20 22.35 0.40
C ALA D 239 5.32 23.02 1.77
N SER D 240 6.47 22.87 2.41
CA SER D 240 6.67 23.46 3.74
C SER D 240 6.62 24.98 3.66
N VAL D 241 7.26 25.53 2.63
CA VAL D 241 7.29 26.97 2.41
C VAL D 241 5.88 27.50 2.16
N ALA D 242 5.13 26.77 1.34
CA ALA D 242 3.77 27.16 0.99
C ALA D 242 2.83 27.11 2.19
N HIS D 243 2.88 26.01 2.94
CA HIS D 243 2.04 25.81 4.10
C HIS D 243 2.30 26.82 5.21
N LEU D 244 3.56 27.21 5.39
CA LEU D 244 3.95 28.15 6.43
C LEU D 244 3.92 29.61 6.00
N GLY D 245 4.02 29.86 4.69
CA GLY D 245 4.02 31.23 4.22
C GLY D 245 5.42 31.84 4.34
N LEU D 246 6.44 30.99 4.32
CA LEU D 246 7.81 31.46 4.43
C LEU D 246 8.19 32.31 3.22
N ASP D 247 8.88 33.42 3.46
CA ASP D 247 9.29 34.30 2.38
C ASP D 247 10.67 33.96 1.83
N LEU D 248 11.28 32.91 2.37
CA LEU D 248 12.59 32.45 1.93
C LEU D 248 12.66 30.93 2.06
N PRO D 249 13.52 30.29 1.27
CA PRO D 249 13.63 28.83 1.36
C PRO D 249 14.15 28.52 2.76
N LEU D 250 14.06 27.28 3.18
CA LEU D 250 14.56 26.93 4.52
C LEU D 250 16.08 27.03 4.45
N VAL D 251 16.67 27.73 5.42
CA VAL D 251 18.12 27.89 5.48
C VAL D 251 18.78 26.53 5.32
N CYS D 252 18.36 25.60 6.15
CA CYS D 252 18.88 24.23 6.11
C CYS D 252 17.70 23.28 6.30
N GLY D 253 17.89 22.03 5.92
CA GLY D 253 16.81 21.07 6.08
C GLY D 253 17.22 19.66 5.68
N ARG D 254 16.62 18.68 6.35
CA ARG D 254 16.88 17.28 6.06
C ARG D 254 15.56 16.54 5.86
N VAL D 255 15.46 15.80 4.76
CA VAL D 255 14.28 15.02 4.45
C VAL D 255 14.72 13.57 4.40
N ASP D 256 14.06 12.70 5.17
CA ASP D 256 14.41 11.28 5.20
C ASP D 256 13.42 10.46 4.40
N LEU D 257 13.94 9.73 3.41
CA LEU D 257 13.11 8.92 2.53
C LEU D 257 13.32 7.41 2.67
N VAL D 258 12.22 6.68 2.56
CA VAL D 258 12.22 5.21 2.64
C VAL D 258 11.43 4.77 1.42
N ARG D 259 11.80 3.65 0.82
CA ARG D 259 11.10 3.19 -0.37
C ARG D 259 9.89 2.29 -0.09
N GLY D 260 8.76 2.62 -0.71
CA GLY D 260 7.54 1.84 -0.54
C GLY D 260 7.47 0.64 -1.46
N ALA D 261 6.41 -0.14 -1.34
CA ALA D 261 6.23 -1.34 -2.17
C ALA D 261 6.40 -1.00 -3.64
N ASP D 262 5.92 0.19 -4.00
CA ASP D 262 5.99 0.72 -5.36
C ASP D 262 7.44 0.85 -5.81
N GLY D 263 8.34 0.99 -4.84
CA GLY D 263 9.75 1.14 -5.14
C GLY D 263 10.15 2.60 -5.12
N SER D 264 9.15 3.48 -5.14
CA SER D 264 9.38 4.92 -5.11
C SER D 264 9.50 5.36 -3.66
N PRO D 265 10.26 6.45 -3.41
CA PRO D 265 10.43 6.96 -2.05
C PRO D 265 9.29 7.82 -1.53
N VAL D 267 8.28 10.26 2.23
CA VAL D 267 8.85 10.86 3.42
C VAL D 267 8.58 10.10 4.70
N LEU D 268 9.64 9.91 5.48
CA LEU D 268 9.56 9.23 6.76
C LEU D 268 9.49 10.31 7.84
N GLU D 269 10.44 11.24 7.75
CA GLU D 269 10.56 12.34 8.70
C GLU D 269 11.21 13.50 7.96
N GLU D 271 13.38 17.24 9.16
CA GLU D 271 13.82 18.13 10.23
C GLU D 271 14.22 19.49 9.68
N LEU D 272 13.39 20.49 9.96
CA LEU D 272 13.61 21.84 9.48
C LEU D 272 14.02 22.81 10.58
N CYS D 273 13.89 22.39 11.83
CA CYS D 273 14.23 23.28 12.94
C CYS D 273 15.66 23.12 13.47
N GLU D 274 15.93 22.00 14.11
CA GLU D 274 17.24 21.71 14.69
C GLU D 274 17.70 20.36 14.16
N PRO D 275 17.91 20.28 12.85
CA PRO D 275 18.33 19.04 12.21
C PRO D 275 19.78 18.63 12.37
N SER D 276 20.00 17.33 12.22
CA SER D 276 21.31 16.73 12.24
C SER D 276 21.53 16.79 10.72
N LEU D 277 22.59 17.45 10.28
CA LEU D 277 22.83 17.62 8.85
C LEU D 277 23.83 16.69 8.17
N ASN D 278 24.69 16.04 8.94
CA ASN D 278 25.69 15.14 8.36
C ASN D 278 26.71 15.90 7.53
N LEU D 279 27.19 17.03 8.05
CA LEU D 279 28.18 17.84 7.36
C LEU D 279 29.53 17.13 7.23
N THR D 280 29.89 16.34 8.24
CA THR D 280 31.16 15.63 8.17
C THR D 280 31.15 14.57 7.06
N PHE D 281 29.99 14.33 6.45
CA PHE D 281 29.87 13.35 5.36
C PHE D 281 29.87 14.01 3.98
N SER D 282 29.90 15.33 3.93
CA SER D 282 29.88 16.01 2.64
C SER D 282 31.20 16.64 2.27
N GLU D 283 31.30 17.05 1.01
CA GLU D 283 32.51 17.68 0.51
C GLU D 283 32.57 19.15 0.92
N ASP D 284 31.42 19.83 0.93
CA ASP D 284 31.38 21.24 1.30
C ASP D 284 30.07 21.66 1.97
N GLY D 285 29.49 20.76 2.75
CA GLY D 285 28.24 21.06 3.41
C GLY D 285 28.30 22.17 4.44
N ALA D 286 29.30 22.08 5.31
CA ALA D 286 29.45 23.10 6.35
C ALA D 286 29.63 24.49 5.74
N LEU D 287 30.42 24.58 4.67
CA LEU D 287 30.63 25.88 4.03
C LEU D 287 29.31 26.41 3.45
N ARG D 288 28.59 25.54 2.76
CA ARG D 288 27.32 25.93 2.17
C ARG D 288 26.33 26.40 3.22
N PHE D 289 26.36 25.76 4.39
CA PHE D 289 25.46 26.12 5.48
C PHE D 289 25.89 27.48 6.05
N ALA D 290 27.19 27.66 6.22
CA ALA D 290 27.70 28.90 6.75
C ALA D 290 27.37 30.03 5.78
N GLN D 291 27.52 29.77 4.48
CA GLN D 291 27.23 30.78 3.47
C GLN D 291 25.74 31.18 3.51
N ALA D 292 24.87 30.20 3.67
CA ALA D 292 23.43 30.47 3.72
C ALA D 292 23.07 31.27 4.97
N LEU D 293 23.62 30.88 6.12
CA LEU D 293 23.35 31.59 7.36
C LEU D 293 23.85 33.03 7.26
N ALA D 294 24.93 33.20 6.51
CA ALA D 294 25.54 34.51 6.33
C ALA D 294 24.53 35.48 5.72
N GLU D 295 23.95 35.11 4.58
CA GLU D 295 22.97 35.93 3.89
C GLU D 295 21.78 36.32 4.76
N ARG D 296 21.56 35.55 5.83
CA ARG D 296 20.43 35.80 6.72
C ARG D 296 20.77 36.81 7.81
N LEU D 297 22.05 37.04 8.04
CA LEU D 297 22.47 37.99 9.06
C LEU D 297 22.60 39.41 8.50
N LYS D 298 23.06 39.52 7.26
CA LYS D 298 23.22 40.80 6.61
C LYS D 298 21.91 41.24 5.95
#